data_7KFZ
#
_entry.id   7KFZ
#
_cell.length_a   1.00
_cell.length_b   1.00
_cell.length_c   1.00
_cell.angle_alpha   90.00
_cell.angle_beta   90.00
_cell.angle_gamma   90.00
#
_symmetry.space_group_name_H-M   'P 1'
#
loop_
_entity.id
_entity.type
_entity.pdbx_description
1 polymer 'GTPase KRas'
2 polymer 'Son of sevenless homolog 1'
3 non-polymer 'PHOSPHOAMINOPHOSPHONIC ACID-GUANYLATE ESTER'
4 non-polymer 'MAGNESIUM ION'
#
loop_
_entity_poly.entity_id
_entity_poly.type
_entity_poly.pdbx_seq_one_letter_code
_entity_poly.pdbx_strand_id
1 'polypeptide(L)'
;GMTEYKLVVVGAGDVGKSALTIQLIQNHFVDEYDPTIEDSYRKQVVIDGETCLLDILDTAGQEEYSAMRDQYMRTGEGFL
CVFAINNTKSFEDIHHYREQIKRVKDSEDVPMVLVGNKCDLPSRTVDTKQAQDLARSYGIPFIETSAKTRQGVDDAFYTL
VREIRKHKEK
;
A,C
2 'polypeptide(L)'
;GAMGSEEQMRLPSADVYRFAEPDSEENIIFEENMQPKAGIPIIKAGTVIKLIERLTYHMYADPNFVRTFLTTYRSFCKPQ
ELLSLIIERFEIPEPEPTEADRIAIENGDQPLSAELKRFRKEYIQPVQLRVLNVCRHWVEHHFYDFERDAYLLQRMEEFI
GTVRGKAMKKWVESITKIIQRKKIARDNGPGHNITFQSSPPTVEWHISRPGHIETFDLLTLHPIEIARQLTLLESDLYRA
VQPSELVGSVWTKEDKEINSPNLLKMIRHTTNLTLWFEKCIVETENLEERVAVVSRIIEILQVFQELNNFNGVLEVVSAM
NSSPVYRLDHTFEQIPSRQKKILEEAHELSEDHYKKYLAKLRSINPPCVPFFGIYLTNILKTEEGNPEVLKRHGKELINF
SKRRKVAEITGEIQQYQNQPYCLRVESDIKRFFENLNPMGNSMEKEFTDYLFNKSLEIEPRNPKPLPRFPKKYSYPLKSP
GVRPSNPRPGT
;
B
#
# COMPACT_ATOMS: atom_id res chain seq x y z
N MET A 2 -0.45 29.20 22.95
CA MET A 2 0.29 28.01 22.54
C MET A 2 0.76 28.10 21.10
N THR A 3 1.96 28.64 20.90
CA THR A 3 2.52 28.70 19.56
C THR A 3 2.93 27.31 19.11
N GLU A 4 2.74 27.05 17.83
CA GLU A 4 3.11 25.78 17.22
C GLU A 4 4.28 26.03 16.27
N TYR A 5 5.44 25.46 16.60
CA TYR A 5 6.64 25.62 15.79
C TYR A 5 6.72 24.47 14.79
N LYS A 6 6.93 24.80 13.53
CA LYS A 6 7.11 23.78 12.50
C LYS A 6 8.60 23.53 12.31
N LEU A 7 9.03 22.33 12.66
CA LEU A 7 10.41 21.92 12.53
C LEU A 7 10.50 20.91 11.39
N VAL A 8 11.61 20.93 10.69
CA VAL A 8 11.85 20.02 9.58
C VAL A 8 13.19 19.37 9.81
N VAL A 9 13.24 18.04 9.76
CA VAL A 9 14.51 17.33 9.87
C VAL A 9 15.03 17.06 8.48
N VAL A 10 16.26 17.48 8.20
CA VAL A 10 16.84 17.45 6.87
C VAL A 10 18.16 16.70 6.92
N GLY A 11 18.37 15.81 5.97
CA GLY A 11 19.63 15.09 5.92
C GLY A 11 19.61 14.06 4.82
N ALA A 12 20.66 13.25 4.79
CA ALA A 12 20.75 12.18 3.82
C ALA A 12 19.96 10.98 4.31
N GLY A 13 19.95 9.91 3.52
CA GLY A 13 19.17 8.74 3.88
C GLY A 13 19.86 7.75 4.77
N ASP A 14 21.14 7.95 5.04
CA ASP A 14 21.94 7.01 5.79
C ASP A 14 22.45 7.57 7.12
N VAL A 15 21.89 8.68 7.59
CA VAL A 15 22.32 9.27 8.85
C VAL A 15 21.35 8.99 10.00
N GLY A 16 20.28 8.25 9.75
CA GLY A 16 19.38 7.86 10.81
C GLY A 16 18.63 9.01 11.46
N LYS A 17 17.92 9.81 10.66
CA LYS A 17 17.16 10.91 11.25
C LYS A 17 15.79 10.46 11.76
N SER A 18 15.21 9.44 11.13
CA SER A 18 13.94 8.92 11.63
C SER A 18 14.07 8.47 13.07
N ALA A 19 15.21 7.86 13.41
CA ALA A 19 15.47 7.50 14.80
C ALA A 19 15.50 8.74 15.68
N LEU A 20 16.05 9.83 15.17
CA LEU A 20 16.10 11.07 15.96
C LEU A 20 14.70 11.57 16.28
N THR A 21 13.82 11.64 15.28
CA THR A 21 12.45 12.07 15.57
C THR A 21 11.77 11.11 16.54
N ILE A 22 11.94 9.82 16.33
CA ILE A 22 11.29 8.85 17.20
C ILE A 22 11.76 9.03 18.64
N GLN A 23 13.07 9.16 18.84
CA GLN A 23 13.58 9.31 20.19
C GLN A 23 13.10 10.60 20.83
N LEU A 24 12.80 11.62 20.02
CA LEU A 24 12.12 12.77 20.61
C LEU A 24 10.74 12.38 21.10
N ILE A 25 9.99 11.64 20.28
CA ILE A 25 8.60 11.36 20.66
C ILE A 25 8.51 10.21 21.65
N GLN A 26 9.21 9.11 21.39
CA GLN A 26 9.17 7.94 22.26
C GLN A 26 10.01 8.18 23.51
N ASN A 27 9.57 9.13 24.33
CA ASN A 27 10.36 9.50 25.51
C ASN A 27 10.19 8.47 26.63
N HIS A 28 9.00 7.89 26.75
CA HIS A 28 8.72 6.99 27.87
C HIS A 28 9.02 5.54 27.50
N PHE A 29 8.30 5.00 26.53
CA PHE A 29 8.34 3.58 26.24
C PHE A 29 8.51 3.35 24.75
N VAL A 30 9.17 2.26 24.42
CA VAL A 30 9.35 1.86 23.02
C VAL A 30 8.51 0.64 22.68
N ASP A 31 7.50 0.34 23.49
CA ASP A 31 6.67 -0.82 23.23
C ASP A 31 5.90 -0.66 21.92
N GLU A 32 5.39 0.52 21.66
CA GLU A 32 4.48 0.76 20.53
C GLU A 32 4.85 2.07 19.85
N TYR A 33 4.60 2.14 18.54
CA TYR A 33 4.81 3.35 17.76
C TYR A 33 3.97 3.26 16.50
N ASP A 34 3.24 4.31 16.20
CA ASP A 34 2.31 4.34 15.08
C ASP A 34 2.49 5.66 14.33
N PRO A 35 3.21 5.66 13.21
CA PRO A 35 3.48 6.92 12.53
C PRO A 35 2.25 7.59 11.96
N THR A 36 1.16 6.86 11.73
CA THR A 36 0.00 7.45 11.06
C THR A 36 -0.73 8.42 11.97
N ILE A 37 -0.95 8.06 13.23
CA ILE A 37 -1.75 8.88 14.12
C ILE A 37 -1.05 10.21 14.38
N GLU A 38 -1.84 11.23 14.69
CA GLU A 38 -1.33 12.59 14.81
C GLU A 38 -0.36 12.75 15.98
N ASP A 39 -0.43 11.89 16.98
CA ASP A 39 0.41 12.08 18.14
C ASP A 39 1.85 11.70 17.89
N SER A 40 2.17 11.13 16.73
CA SER A 40 3.51 10.61 16.51
C SER A 40 4.49 11.70 16.12
N TYR A 41 4.06 12.69 15.35
CA TYR A 41 4.96 13.76 14.94
C TYR A 41 4.70 15.06 15.66
N ARG A 42 3.72 15.11 16.56
CA ARG A 42 3.38 16.31 17.30
C ARG A 42 3.59 16.05 18.78
N LYS A 43 4.36 16.91 19.42
CA LYS A 43 4.65 16.73 20.84
C LYS A 43 4.57 18.07 21.54
N GLN A 44 3.88 18.10 22.68
CA GLN A 44 3.77 19.32 23.47
C GLN A 44 4.84 19.31 24.54
N VAL A 45 5.68 20.35 24.53
CA VAL A 45 6.82 20.39 25.41
C VAL A 45 6.95 21.79 26.00
N VAL A 46 7.56 21.86 27.19
CA VAL A 46 7.85 23.11 27.85
C VAL A 46 9.32 23.45 27.65
N ILE A 47 9.59 24.64 27.14
CA ILE A 47 10.94 25.09 26.84
C ILE A 47 11.13 26.45 27.50
N ASP A 48 12.18 26.57 28.32
CA ASP A 48 12.49 27.82 29.02
C ASP A 48 11.26 28.36 29.74
N GLY A 49 10.54 27.46 30.41
CA GLY A 49 9.40 27.86 31.21
C GLY A 49 8.18 28.24 30.42
N GLU A 50 8.22 28.19 29.10
CA GLU A 50 7.07 28.51 28.27
C GLU A 50 6.62 27.26 27.54
N THR A 51 5.32 27.01 27.53
CA THR A 51 4.80 25.82 26.87
C THR A 51 4.67 26.08 25.36
N CYS A 52 4.87 25.03 24.58
CA CYS A 52 4.83 25.14 23.12
C CYS A 52 4.62 23.76 22.53
N LEU A 53 4.40 23.73 21.22
CA LEU A 53 4.06 22.51 20.50
C LEU A 53 4.99 22.33 19.31
N LEU A 54 5.46 21.11 19.09
CA LEU A 54 6.40 20.81 18.03
C LEU A 54 5.71 19.92 17.00
N ASP A 55 5.72 20.35 15.75
CA ASP A 55 5.12 19.61 14.63
C ASP A 55 6.27 19.28 13.68
N ILE A 56 6.81 18.08 13.80
CA ILE A 56 8.07 17.73 13.16
C ILE A 56 7.80 17.03 11.84
N LEU A 57 8.29 17.62 10.75
CA LEU A 57 8.15 17.02 9.42
C LEU A 57 9.36 16.17 9.12
N ASP A 58 9.29 14.90 9.46
CA ASP A 58 10.34 13.95 9.15
C ASP A 58 9.90 13.13 7.95
N THR A 59 10.72 13.13 6.90
CA THR A 59 10.32 12.47 5.67
C THR A 59 11.31 11.37 5.32
N ALA A 60 11.65 10.54 6.29
CA ALA A 60 12.57 9.44 6.04
C ALA A 60 11.99 8.52 4.99
N GLY A 61 12.87 7.96 4.16
CA GLY A 61 12.48 7.03 3.13
C GLY A 61 12.14 7.67 1.80
N GLN A 62 11.73 8.93 1.81
CA GLN A 62 11.48 9.69 0.60
C GLN A 62 12.73 10.40 0.11
N GLU A 63 13.91 9.92 0.47
CA GLU A 63 15.12 10.57 0.00
C GLU A 63 15.29 10.46 -1.50
N GLU A 64 14.68 9.45 -2.13
CA GLU A 64 14.77 9.29 -3.57
C GLU A 64 13.85 10.24 -4.33
N TYR A 65 12.86 10.82 -3.66
CA TYR A 65 12.00 11.83 -4.27
C TYR A 65 12.76 13.15 -4.20
N SER A 66 13.79 13.27 -5.04
CA SER A 66 14.72 14.36 -4.88
C SER A 66 14.13 15.70 -5.27
N ALA A 67 13.13 15.72 -6.14
CA ALA A 67 12.56 16.99 -6.56
C ALA A 67 11.57 17.55 -5.57
N MET A 68 11.12 16.76 -4.62
CA MET A 68 10.12 17.18 -3.65
C MET A 68 10.74 17.73 -2.38
N ARG A 69 12.06 17.87 -2.34
CA ARG A 69 12.68 18.42 -1.14
C ARG A 69 12.32 19.88 -0.96
N ASP A 70 12.21 20.64 -2.04
CA ASP A 70 11.88 22.05 -1.92
C ASP A 70 10.51 22.24 -1.32
N GLN A 71 9.55 21.40 -1.71
CA GLN A 71 8.21 21.54 -1.18
C GLN A 71 8.15 21.23 0.31
N TYR A 72 8.90 20.23 0.76
CA TYR A 72 8.87 19.86 2.16
C TYR A 72 9.53 20.92 3.03
N MET A 73 10.71 21.39 2.63
CA MET A 73 11.42 22.37 3.44
C MET A 73 10.72 23.71 3.47
N ARG A 74 9.82 23.98 2.55
CA ARG A 74 9.10 25.25 2.60
C ARG A 74 8.15 25.30 3.79
N THR A 75 7.59 24.16 4.19
CA THR A 75 6.57 24.18 5.24
C THR A 75 7.15 24.64 6.58
N GLY A 76 8.33 24.14 6.93
CA GLY A 76 8.82 24.34 8.28
C GLY A 76 9.39 25.72 8.50
N GLU A 77 9.48 26.09 9.78
CA GLU A 77 10.10 27.35 10.18
C GLU A 77 11.52 27.16 10.67
N GLY A 78 11.82 26.01 11.28
CA GLY A 78 13.19 25.74 11.67
C GLY A 78 13.65 24.42 11.11
N PHE A 79 14.95 24.22 10.95
CA PHE A 79 15.45 23.02 10.32
C PHE A 79 16.55 22.40 11.15
N LEU A 80 16.60 21.08 11.16
CA LEU A 80 17.75 20.34 11.64
C LEU A 80 18.49 19.80 10.44
N CYS A 81 19.80 20.00 10.40
CA CYS A 81 20.63 19.44 9.36
C CYS A 81 21.43 18.30 9.99
N VAL A 82 21.06 17.07 9.65
CA VAL A 82 21.57 15.89 10.35
C VAL A 82 22.62 15.21 9.49
N PHE A 83 23.80 14.99 10.06
CA PHE A 83 24.86 14.24 9.38
C PHE A 83 25.39 13.17 10.32
N ALA A 84 25.63 11.99 9.78
CA ALA A 84 26.17 10.90 10.57
C ALA A 84 27.65 11.10 10.84
N ILE A 85 28.08 10.87 12.08
CA ILE A 85 29.49 10.95 12.39
C ILE A 85 30.25 9.85 11.67
N ASN A 86 29.64 8.69 11.48
CA ASN A 86 30.30 7.61 10.76
C ASN A 86 30.61 8.01 9.32
N ASN A 87 29.63 8.56 8.62
CA ASN A 87 29.75 8.83 7.19
C ASN A 87 30.45 10.17 7.01
N THR A 88 31.70 10.14 6.58
CA THR A 88 32.35 11.39 6.23
C THR A 88 31.70 12.03 5.02
N LYS A 89 31.11 11.22 4.13
CA LYS A 89 30.43 11.79 2.98
C LYS A 89 29.26 12.67 3.39
N SER A 90 28.50 12.24 4.40
CA SER A 90 27.37 13.04 4.84
C SER A 90 27.80 14.38 5.41
N PHE A 91 29.09 14.54 5.74
CA PHE A 91 29.53 15.81 6.29
C PHE A 91 29.65 16.88 5.21
N GLU A 92 30.20 16.52 4.05
CA GLU A 92 30.22 17.50 2.97
C GLU A 92 28.86 17.71 2.33
N ASP A 93 27.87 16.88 2.66
CA ASP A 93 26.53 17.08 2.14
C ASP A 93 25.72 18.10 2.94
N ILE A 94 26.20 18.50 4.12
CA ILE A 94 25.49 19.51 4.90
C ILE A 94 25.46 20.84 4.17
N HIS A 95 26.53 21.16 3.44
CA HIS A 95 26.58 22.46 2.78
C HIS A 95 25.43 22.61 1.79
N HIS A 96 25.15 21.58 1.01
CA HIS A 96 24.07 21.67 0.04
C HIS A 96 22.72 21.78 0.72
N TYR A 97 22.51 21.06 1.81
CA TYR A 97 21.23 21.16 2.50
C TYR A 97 21.04 22.56 3.08
N ARG A 98 22.10 23.15 3.61
CA ARG A 98 21.97 24.52 4.10
C ARG A 98 21.70 25.48 2.94
N GLU A 99 22.39 25.30 1.82
CA GLU A 99 22.17 26.21 0.69
C GLU A 99 20.75 26.10 0.18
N GLN A 100 20.23 24.88 0.05
CA GLN A 100 18.87 24.70 -0.42
C GLN A 100 17.87 25.31 0.56
N ILE A 101 18.07 25.09 1.86
CA ILE A 101 17.17 25.71 2.82
C ILE A 101 17.21 27.22 2.69
N LYS A 102 18.41 27.78 2.44
CA LYS A 102 18.53 29.22 2.30
C LYS A 102 17.75 29.74 1.10
N ARG A 103 17.83 29.04 -0.03
CA ARG A 103 17.16 29.54 -1.22
C ARG A 103 15.68 29.17 -1.28
N VAL A 104 15.21 28.27 -0.41
CA VAL A 104 13.78 28.02 -0.32
C VAL A 104 13.11 29.09 0.53
N LYS A 105 13.61 29.31 1.74
CA LYS A 105 13.05 30.34 2.60
C LYS A 105 13.39 31.73 2.11
N ASP A 106 14.34 31.85 1.19
CA ASP A 106 14.77 33.10 0.55
C ASP A 106 15.44 34.07 1.49
N SER A 107 15.71 33.67 2.74
CA SER A 107 16.34 34.55 3.71
C SER A 107 17.73 34.02 4.03
N GLU A 108 18.67 34.94 4.25
CA GLU A 108 20.04 34.54 4.52
C GLU A 108 20.18 33.88 5.88
N ASP A 109 19.40 34.29 6.87
CA ASP A 109 19.46 33.73 8.21
C ASP A 109 18.19 32.93 8.45
N VAL A 110 18.32 31.61 8.54
CA VAL A 110 17.21 30.69 8.71
C VAL A 110 17.41 29.98 10.04
N PRO A 111 16.40 29.85 10.88
CA PRO A 111 16.58 29.15 12.15
C PRO A 111 16.99 27.71 11.93
N MET A 112 18.22 27.36 12.27
CA MET A 112 18.76 26.06 11.90
C MET A 112 19.69 25.58 12.99
N VAL A 113 19.86 24.27 13.05
CA VAL A 113 20.73 23.64 14.05
C VAL A 113 21.44 22.47 13.40
N LEU A 114 22.74 22.58 13.23
CA LEU A 114 23.52 21.44 12.78
C LEU A 114 23.47 20.37 13.85
N VAL A 115 23.25 19.12 13.45
CA VAL A 115 23.10 18.02 14.39
C VAL A 115 23.99 16.88 13.94
N GLY A 116 24.77 16.34 14.86
CA GLY A 116 25.61 15.20 14.56
C GLY A 116 25.03 13.93 15.15
N ASN A 117 24.60 13.01 14.32
CA ASN A 117 23.84 11.87 14.77
C ASN A 117 24.74 10.65 14.92
N LYS A 118 24.24 9.65 15.64
CA LYS A 118 24.97 8.42 15.92
C LYS A 118 26.35 8.70 16.52
N CYS A 119 26.38 9.62 17.49
CA CYS A 119 27.66 10.05 18.04
C CYS A 119 28.30 8.99 18.91
N ASP A 120 27.50 8.12 19.53
CA ASP A 120 28.06 7.21 20.53
C ASP A 120 28.89 6.09 19.93
N LEU A 121 28.57 5.63 18.73
CA LEU A 121 29.29 4.50 18.16
C LEU A 121 30.73 4.89 17.87
N PRO A 122 31.65 3.92 17.92
CA PRO A 122 33.05 4.23 17.58
C PRO A 122 33.24 4.42 16.08
N SER A 123 34.49 4.56 15.66
CA SER A 123 34.82 4.93 14.28
C SER A 123 34.26 6.31 13.94
N ARG A 124 34.51 7.27 14.82
CA ARG A 124 34.06 8.64 14.59
C ARG A 124 34.94 9.25 13.51
N THR A 125 34.49 9.13 12.25
CA THR A 125 35.26 9.68 11.15
C THR A 125 35.27 11.20 11.18
N VAL A 126 34.25 11.83 11.72
CA VAL A 126 34.20 13.28 11.88
C VAL A 126 34.51 13.63 13.33
N ASP A 127 35.42 14.58 13.52
CA ASP A 127 35.73 15.05 14.85
C ASP A 127 34.77 16.14 15.29
N THR A 128 34.59 16.26 16.60
CA THR A 128 33.73 17.30 17.15
C THR A 128 34.26 18.68 16.80
N LYS A 129 35.58 18.85 16.80
CA LYS A 129 36.15 20.16 16.52
C LYS A 129 35.80 20.63 15.11
N GLN A 130 35.87 19.72 14.14
CA GLN A 130 35.56 20.11 12.76
C GLN A 130 34.10 20.53 12.61
N ALA A 131 33.18 19.77 13.20
CA ALA A 131 31.77 20.14 13.12
C ALA A 131 31.50 21.44 13.86
N GLN A 132 32.15 21.64 15.00
CA GLN A 132 32.01 22.91 15.72
C GLN A 132 32.50 24.07 14.86
N ASP A 133 33.61 23.86 14.14
CA ASP A 133 34.11 24.90 13.25
C ASP A 133 33.12 25.17 12.12
N LEU A 134 32.52 24.13 11.56
CA LEU A 134 31.55 24.34 10.49
C LEU A 134 30.35 25.12 11.01
N ALA A 135 29.86 24.77 12.19
CA ALA A 135 28.72 25.47 12.77
C ALA A 135 29.08 26.93 13.07
N ARG A 136 30.30 27.18 13.55
CA ARG A 136 30.74 28.55 13.76
C ARG A 136 30.79 29.31 12.45
N SER A 137 31.22 28.66 11.38
CA SER A 137 31.22 29.29 10.06
C SER A 137 29.81 29.67 9.63
N TYR A 138 28.84 28.77 9.85
CA TYR A 138 27.48 29.11 9.48
C TYR A 138 26.81 30.06 10.45
N GLY A 139 27.24 30.05 11.71
CA GLY A 139 26.57 30.83 12.72
C GLY A 139 25.41 30.15 13.39
N ILE A 140 25.36 28.82 13.35
CA ILE A 140 24.24 28.05 13.87
C ILE A 140 24.78 27.16 14.98
N PRO A 141 23.94 26.76 15.93
CA PRO A 141 24.39 25.85 16.99
C PRO A 141 24.75 24.50 16.44
N PHE A 142 25.51 23.75 17.23
CA PHE A 142 25.86 22.37 16.90
C PHE A 142 25.55 21.48 18.09
N ILE A 143 24.90 20.35 17.84
CA ILE A 143 24.49 19.41 18.86
C ILE A 143 24.91 18.02 18.44
N GLU A 144 25.49 17.26 19.36
CA GLU A 144 25.76 15.85 19.13
C GLU A 144 24.65 15.03 19.76
N THR A 145 23.97 14.22 18.96
CA THR A 145 22.92 13.35 19.44
C THR A 145 23.24 11.91 19.10
N SER A 146 22.80 10.99 19.95
CA SER A 146 22.88 9.57 19.69
C SER A 146 21.48 9.00 19.56
N ALA A 147 21.22 8.32 18.46
CA ALA A 147 19.88 7.79 18.24
C ALA A 147 19.54 6.67 19.19
N LYS A 148 20.54 5.92 19.65
CA LYS A 148 20.26 4.74 20.47
C LYS A 148 19.92 5.13 21.91
N THR A 149 20.75 5.96 22.52
CA THR A 149 20.65 6.23 23.95
C THR A 149 19.89 7.51 24.26
N ARG A 150 19.32 8.16 23.25
CA ARG A 150 18.50 9.36 23.44
C ARG A 150 19.29 10.45 24.15
N GLN A 151 20.58 10.56 23.84
CA GLN A 151 21.46 11.53 24.49
C GLN A 151 21.55 12.76 23.61
N GLY A 152 20.94 13.85 24.07
CA GLY A 152 21.02 15.11 23.36
C GLY A 152 19.90 15.39 22.39
N VAL A 153 18.99 14.45 22.17
CA VAL A 153 17.89 14.69 21.23
C VAL A 153 17.06 15.88 21.71
N ASP A 154 16.69 15.88 22.99
CA ASP A 154 15.96 17.00 23.55
C ASP A 154 16.75 18.30 23.40
N ASP A 155 18.07 18.24 23.60
CA ASP A 155 18.87 19.43 23.41
C ASP A 155 18.75 19.95 21.99
N ALA A 156 18.81 19.04 21.00
CA ALA A 156 18.75 19.47 19.61
C ALA A 156 17.43 20.15 19.30
N PHE A 157 16.32 19.52 19.67
CA PHE A 157 15.04 20.12 19.33
C PHE A 157 14.80 21.42 20.10
N TYR A 158 15.21 21.47 21.37
CA TYR A 158 15.01 22.70 22.14
C TYR A 158 15.87 23.83 21.61
N THR A 159 17.12 23.55 21.26
CA THR A 159 17.95 24.62 20.73
C THR A 159 17.42 25.11 19.39
N LEU A 160 16.86 24.22 18.57
CA LEU A 160 16.21 24.68 17.36
C LEU A 160 15.03 25.59 17.69
N VAL A 161 14.25 25.24 18.71
CA VAL A 161 13.12 26.10 19.05
C VAL A 161 13.61 27.46 19.53
N ARG A 162 14.70 27.49 20.30
CA ARG A 162 15.22 28.77 20.76
C ARG A 162 15.70 29.61 19.58
N GLU A 163 16.34 28.97 18.59
CA GLU A 163 16.76 29.72 17.42
C GLU A 163 15.57 30.26 16.63
N ILE A 164 14.50 29.47 16.53
CA ILE A 164 13.29 29.97 15.90
C ILE A 164 12.76 31.19 16.63
N ARG A 165 12.76 31.14 17.96
CA ARG A 165 12.28 32.29 18.73
C ARG A 165 13.16 33.50 18.52
N LYS A 166 14.49 33.31 18.54
CA LYS A 166 15.40 34.43 18.39
C LYS A 166 15.25 35.09 17.03
N HIS A 167 15.15 34.30 15.97
CA HIS A 167 15.00 34.87 14.63
C HIS A 167 13.69 35.62 14.49
N LYS A 168 12.67 35.25 15.27
CA LYS A 168 11.41 35.99 15.22
C LYS A 168 11.61 37.41 15.74
N GLU A 169 12.36 37.57 16.82
CA GLU A 169 12.60 38.88 17.40
C GLU A 169 13.83 39.54 16.80
N GLN B 8 -13.42 -29.00 25.57
CA GLN B 8 -13.26 -29.01 24.12
C GLN B 8 -12.98 -30.42 23.60
N MET B 9 -11.74 -30.64 23.18
CA MET B 9 -11.33 -31.91 22.59
C MET B 9 -9.91 -32.21 23.00
N ARG B 10 -9.56 -33.50 23.01
CA ARG B 10 -8.27 -33.95 23.49
C ARG B 10 -7.27 -33.88 22.34
N LEU B 11 -6.51 -32.80 22.30
CA LEU B 11 -5.48 -32.64 21.30
C LEU B 11 -4.35 -33.63 21.56
N PRO B 12 -3.56 -33.98 20.55
CA PRO B 12 -2.49 -34.94 20.75
C PRO B 12 -1.50 -34.45 21.78
N SER B 13 -0.67 -35.37 22.27
CA SER B 13 0.28 -35.02 23.31
C SER B 13 1.31 -34.03 22.78
N ALA B 14 1.68 -33.07 23.63
CA ALA B 14 2.59 -32.02 23.22
C ALA B 14 4.01 -32.53 22.97
N ASP B 15 4.31 -33.77 23.36
CA ASP B 15 5.64 -34.31 23.13
C ASP B 15 5.84 -34.69 21.66
N VAL B 16 4.84 -35.33 21.06
CA VAL B 16 4.96 -35.80 19.69
C VAL B 16 4.58 -34.71 18.69
N TYR B 17 3.76 -33.76 19.12
CA TYR B 17 3.28 -32.68 18.26
C TYR B 17 3.63 -31.36 18.93
N ARG B 18 4.47 -30.55 18.29
CA ARG B 18 4.90 -29.31 18.92
C ARG B 18 3.74 -28.35 19.11
N PHE B 19 2.87 -28.23 18.12
CA PHE B 19 1.87 -27.17 18.11
C PHE B 19 0.72 -27.40 19.07
N ALA B 20 0.63 -28.57 19.69
CA ALA B 20 -0.45 -28.82 20.62
C ALA B 20 -0.24 -28.13 21.97
N GLU B 21 0.92 -27.52 22.18
CA GLU B 21 1.22 -26.89 23.45
C GLU B 21 0.21 -25.79 23.76
N PRO B 22 -0.36 -25.76 24.95
CA PRO B 22 -1.46 -24.82 25.22
C PRO B 22 -1.01 -23.38 25.25
N ASP B 23 -1.95 -22.48 24.94
CA ASP B 23 -1.68 -21.06 24.96
C ASP B 23 -1.43 -20.58 26.38
N SER B 24 -0.45 -19.72 26.55
CA SER B 24 -0.21 -19.08 27.84
C SER B 24 0.58 -17.81 27.59
N GLU B 25 0.62 -16.95 28.62
CA GLU B 25 1.22 -15.64 28.46
C GLU B 25 2.69 -15.72 28.06
N GLU B 26 3.33 -16.86 28.27
CA GLU B 26 4.72 -17.03 27.85
C GLU B 26 4.85 -17.42 26.39
N ASN B 27 3.76 -17.83 25.74
CA ASN B 27 3.79 -18.11 24.31
C ASN B 27 3.22 -16.98 23.46
N ILE B 28 1.96 -16.65 23.65
CA ILE B 28 1.27 -15.77 22.71
C ILE B 28 0.49 -14.73 23.47
N ILE B 29 0.44 -13.52 22.90
CA ILE B 29 -0.25 -12.39 23.52
C ILE B 29 -1.30 -11.90 22.55
N PHE B 30 -2.53 -11.79 23.02
CA PHE B 30 -3.63 -11.36 22.17
C PHE B 30 -3.92 -9.89 22.43
N GLU B 31 -4.14 -9.14 21.36
CA GLU B 31 -4.58 -7.77 21.51
C GLU B 31 -6.03 -7.73 21.96
N GLU B 32 -6.35 -6.79 22.84
CA GLU B 32 -7.70 -6.67 23.35
C GLU B 32 -8.62 -5.98 22.36
N GLY B 39 -14.74 -10.75 15.78
CA GLY B 39 -14.59 -11.59 16.96
C GLY B 39 -13.34 -12.44 16.92
N ILE B 40 -12.64 -12.38 15.79
CA ILE B 40 -11.39 -13.13 15.61
C ILE B 40 -10.31 -12.52 16.49
N PRO B 41 -9.65 -13.30 17.34
CA PRO B 41 -8.57 -12.73 18.16
C PRO B 41 -7.43 -12.21 17.30
N ILE B 42 -6.87 -11.07 17.70
CA ILE B 42 -5.76 -10.43 17.01
C ILE B 42 -4.53 -10.61 17.87
N ILE B 43 -3.54 -11.33 17.37
CA ILE B 43 -2.41 -11.73 18.19
C ILE B 43 -1.33 -10.66 18.14
N LYS B 44 -0.86 -10.25 19.31
CA LYS B 44 0.13 -9.18 19.42
C LYS B 44 1.54 -9.71 19.27
N ALA B 45 1.80 -10.91 19.78
CA ALA B 45 3.13 -11.48 19.73
C ALA B 45 3.00 -12.97 19.90
N GLY B 46 4.09 -13.68 19.66
CA GLY B 46 4.10 -15.10 19.92
C GLY B 46 5.43 -15.68 19.51
N THR B 47 5.70 -16.87 20.02
CA THR B 47 6.83 -17.61 19.49
C THR B 47 6.50 -18.10 18.10
N VAL B 48 7.53 -18.51 17.35
CA VAL B 48 7.31 -18.92 15.97
C VAL B 48 6.35 -20.09 15.91
N ILE B 49 6.48 -21.04 16.82
CA ILE B 49 5.61 -22.21 16.82
C ILE B 49 4.15 -21.80 16.95
N LYS B 50 3.87 -20.78 17.74
CA LYS B 50 2.50 -20.33 17.88
C LYS B 50 2.02 -19.59 16.63
N LEU B 51 2.88 -18.81 16.00
CA LEU B 51 2.43 -18.05 14.83
C LEU B 51 1.99 -18.99 13.72
N ILE B 52 2.76 -20.05 13.46
CA ILE B 52 2.29 -21.06 12.52
C ILE B 52 1.10 -21.82 13.08
N GLU B 53 0.93 -21.88 14.38
CA GLU B 53 -0.30 -22.46 14.89
C GLU B 53 -1.50 -21.57 14.58
N ARG B 54 -1.36 -20.26 14.79
CA ARG B 54 -2.47 -19.37 14.46
C ARG B 54 -2.59 -19.13 12.98
N LEU B 55 -1.50 -19.30 12.23
CA LEU B 55 -1.57 -19.15 10.79
C LEU B 55 -2.50 -20.19 10.19
N THR B 56 -2.47 -21.42 10.71
CA THR B 56 -3.32 -22.49 10.25
C THR B 56 -4.25 -22.97 11.34
N TYR B 57 -4.84 -22.04 12.09
CA TYR B 57 -5.73 -22.40 13.18
C TYR B 57 -6.97 -23.07 12.63
N HIS B 58 -7.59 -23.90 13.47
CA HIS B 58 -8.73 -24.69 13.01
C HIS B 58 -10.08 -24.09 13.36
N MET B 59 -10.19 -23.33 14.44
CA MET B 59 -11.51 -22.85 14.85
C MET B 59 -12.03 -21.77 13.90
N TYR B 60 -11.20 -20.80 13.53
CA TYR B 60 -11.68 -19.68 12.75
C TYR B 60 -10.88 -19.51 11.48
N ALA B 61 -11.44 -18.72 10.56
CA ALA B 61 -10.79 -18.39 9.29
C ALA B 61 -10.35 -16.95 9.35
N ASP B 62 -9.04 -16.72 9.21
CA ASP B 62 -8.46 -15.38 9.27
C ASP B 62 -7.59 -15.19 8.04
N PRO B 63 -8.20 -15.10 6.86
CA PRO B 63 -7.40 -15.07 5.62
C PRO B 63 -6.55 -13.84 5.47
N ASN B 64 -6.69 -12.84 6.33
CA ASN B 64 -5.72 -11.76 6.38
C ASN B 64 -4.41 -12.24 6.98
N PHE B 65 -4.47 -13.12 7.97
CA PHE B 65 -3.26 -13.57 8.62
C PHE B 65 -2.34 -14.28 7.66
N VAL B 66 -2.89 -15.08 6.76
CA VAL B 66 -2.06 -15.76 5.78
C VAL B 66 -1.31 -14.77 4.93
N ARG B 67 -1.95 -13.64 4.62
CA ARG B 67 -1.32 -12.59 3.83
C ARG B 67 -0.40 -11.72 4.66
N THR B 68 -0.75 -11.50 5.93
CA THR B 68 0.11 -10.71 6.81
C THR B 68 1.34 -11.49 7.21
N PHE B 69 1.18 -12.79 7.46
CA PHE B 69 2.33 -13.58 7.85
C PHE B 69 3.29 -13.77 6.69
N LEU B 70 2.77 -14.16 5.53
CA LEU B 70 3.66 -14.52 4.44
C LEU B 70 4.38 -13.32 3.84
N THR B 71 3.86 -12.11 4.04
CA THR B 71 4.54 -10.93 3.54
C THR B 71 5.77 -10.61 4.38
N THR B 72 5.64 -10.72 5.70
CA THR B 72 6.60 -10.13 6.61
C THR B 72 7.42 -11.13 7.40
N TYR B 73 7.28 -12.42 7.12
CA TYR B 73 7.93 -13.42 7.97
C TYR B 73 9.41 -13.56 7.73
N ARG B 74 9.97 -12.99 6.68
CA ARG B 74 11.38 -13.25 6.43
C ARG B 74 12.29 -12.53 7.42
N SER B 75 11.73 -11.67 8.26
CA SER B 75 12.55 -11.10 9.32
C SER B 75 12.80 -12.11 10.43
N PHE B 76 11.77 -12.87 10.82
CA PHE B 76 11.89 -13.71 11.99
C PHE B 76 11.97 -15.20 11.71
N CYS B 77 11.79 -15.63 10.47
CA CYS B 77 11.81 -17.04 10.14
C CYS B 77 12.38 -17.22 8.74
N LYS B 78 13.43 -18.01 8.61
CA LYS B 78 14.01 -18.25 7.30
C LYS B 78 13.00 -18.97 6.42
N PRO B 79 13.04 -18.74 5.10
CA PRO B 79 12.12 -19.49 4.23
C PRO B 79 12.32 -20.98 4.31
N GLN B 80 13.56 -21.45 4.49
CA GLN B 80 13.80 -22.87 4.67
C GLN B 80 13.20 -23.36 5.98
N GLU B 81 13.31 -22.56 7.04
CA GLU B 81 12.78 -22.98 8.33
C GLU B 81 11.25 -22.94 8.35
N LEU B 82 10.64 -22.00 7.64
CA LEU B 82 9.18 -21.94 7.61
C LEU B 82 8.60 -23.20 7.01
N LEU B 83 9.17 -23.68 5.92
CA LEU B 83 8.58 -24.84 5.27
C LEU B 83 8.75 -26.08 6.13
N SER B 84 9.82 -26.15 6.92
CA SER B 84 9.93 -27.26 7.86
C SER B 84 8.86 -27.19 8.93
N LEU B 85 8.42 -25.99 9.30
CA LEU B 85 7.32 -25.90 10.24
C LEU B 85 5.99 -26.24 9.58
N ILE B 86 5.84 -25.91 8.29
CA ILE B 86 4.60 -26.24 7.60
C ILE B 86 4.46 -27.73 7.40
N ILE B 87 5.55 -28.45 7.14
CA ILE B 87 5.47 -29.90 7.09
C ILE B 87 5.05 -30.44 8.46
N GLU B 88 5.70 -29.96 9.50
CA GLU B 88 5.41 -30.45 10.84
C GLU B 88 3.99 -30.11 11.27
N ARG B 89 3.40 -29.04 10.73
CA ARG B 89 2.02 -28.73 11.02
C ARG B 89 1.06 -29.62 10.25
N PHE B 90 1.42 -29.95 9.01
CA PHE B 90 0.51 -30.70 8.16
C PHE B 90 0.39 -32.14 8.59
N GLU B 91 1.44 -32.70 9.19
CA GLU B 91 1.47 -34.11 9.57
C GLU B 91 1.03 -34.21 11.03
N ILE B 92 -0.27 -34.32 11.23
CA ILE B 92 -0.89 -34.33 12.56
C ILE B 92 -1.04 -35.78 12.99
N PRO B 93 -0.53 -36.17 14.15
CA PRO B 93 -0.72 -37.54 14.63
C PRO B 93 -2.02 -37.68 15.40
N GLU B 94 -2.63 -38.85 15.27
CA GLU B 94 -3.90 -39.11 15.93
C GLU B 94 -3.69 -39.17 17.44
N PRO B 95 -4.65 -38.69 18.22
CA PRO B 95 -4.49 -38.73 19.68
C PRO B 95 -4.55 -40.16 20.18
N GLU B 96 -3.91 -40.38 21.34
CA GLU B 96 -3.86 -41.71 21.89
C GLU B 96 -5.26 -42.17 22.28
N PRO B 97 -5.65 -43.40 21.93
CA PRO B 97 -7.02 -43.86 22.21
C PRO B 97 -7.29 -43.98 23.70
N THR B 98 -8.56 -43.79 24.05
CA THR B 98 -9.01 -43.97 25.42
C THR B 98 -9.12 -45.46 25.74
N GLU B 99 -9.34 -45.75 27.01
CA GLU B 99 -9.28 -47.14 27.48
C GLU B 99 -10.34 -48.01 26.80
N ALA B 100 -11.57 -47.51 26.70
CA ALA B 100 -12.62 -48.29 26.04
C ALA B 100 -12.31 -48.50 24.56
N ASP B 101 -11.82 -47.45 23.90
CA ASP B 101 -11.42 -47.60 22.50
C ASP B 101 -10.28 -48.59 22.36
N ARG B 102 -9.38 -48.63 23.35
CA ARG B 102 -8.31 -49.62 23.34
C ARG B 102 -8.84 -51.03 23.47
N ILE B 103 -9.86 -51.23 24.32
CA ILE B 103 -10.38 -52.58 24.57
C ILE B 103 -10.89 -53.20 23.28
N ALA B 104 -11.59 -52.41 22.46
CA ALA B 104 -11.93 -52.87 21.12
C ALA B 104 -10.67 -53.10 20.28
N ILE B 105 -9.70 -52.18 20.39
CA ILE B 105 -8.46 -52.32 19.64
C ILE B 105 -7.64 -53.49 20.18
N GLU B 106 -7.58 -53.64 21.50
CA GLU B 106 -6.80 -54.73 22.09
C GLU B 106 -7.35 -56.09 21.69
N ASN B 107 -8.68 -56.26 21.76
CA ASN B 107 -9.29 -57.54 21.41
C ASN B 107 -9.46 -57.72 19.91
N GLY B 108 -9.18 -56.69 19.12
CA GLY B 108 -9.43 -56.75 17.69
C GLY B 108 -10.82 -56.31 17.28
N ASP B 109 -11.67 -55.96 18.23
CA ASP B 109 -13.00 -55.47 17.91
C ASP B 109 -12.91 -54.18 17.12
N GLN B 110 -13.86 -53.99 16.21
CA GLN B 110 -13.88 -52.77 15.42
C GLN B 110 -14.30 -51.61 16.32
N PRO B 111 -13.44 -50.62 16.56
CA PRO B 111 -13.77 -49.57 17.51
C PRO B 111 -14.74 -48.56 16.92
N LEU B 112 -15.64 -48.08 17.79
CA LEU B 112 -16.58 -47.05 17.37
C LEU B 112 -15.87 -45.75 17.02
N SER B 113 -14.87 -45.38 17.81
CA SER B 113 -14.12 -44.14 17.62
C SER B 113 -15.06 -42.94 17.63
N ALA B 114 -15.62 -42.69 18.82
CA ALA B 114 -16.49 -41.53 19.00
C ALA B 114 -15.70 -40.23 19.04
N GLU B 115 -14.54 -40.24 19.68
CA GLU B 115 -13.74 -39.03 19.78
C GLU B 115 -12.83 -38.86 18.57
N LEU B 116 -12.24 -39.95 18.06
CA LEU B 116 -11.41 -39.83 16.87
C LEU B 116 -12.22 -39.36 15.67
N LYS B 117 -13.47 -39.79 15.57
CA LYS B 117 -14.30 -39.33 14.46
C LYS B 117 -14.48 -37.82 14.52
N ARG B 118 -14.67 -37.29 15.71
CA ARG B 118 -14.74 -35.84 15.86
C ARG B 118 -13.40 -35.20 15.61
N PHE B 119 -12.32 -35.83 16.06
CA PHE B 119 -11.00 -35.24 15.90
C PHE B 119 -10.65 -35.05 14.43
N ARG B 120 -10.91 -36.08 13.61
CA ARG B 120 -10.52 -35.99 12.21
C ARG B 120 -11.37 -35.00 11.44
N LYS B 121 -12.52 -34.60 11.97
CA LYS B 121 -13.39 -33.66 11.27
C LYS B 121 -13.24 -32.24 11.77
N GLU B 122 -12.75 -32.06 12.99
CA GLU B 122 -12.59 -30.72 13.55
C GLU B 122 -11.16 -30.27 13.70
N TYR B 123 -10.19 -31.19 13.76
CA TYR B 123 -8.80 -30.80 13.89
C TYR B 123 -7.98 -31.16 12.66
N ILE B 124 -7.95 -32.43 12.24
CA ILE B 124 -7.10 -32.78 11.12
C ILE B 124 -7.61 -32.16 9.83
N GLN B 125 -8.91 -32.28 9.56
CA GLN B 125 -9.42 -31.79 8.28
C GLN B 125 -9.26 -30.29 8.10
N PRO B 126 -9.55 -29.43 9.09
CA PRO B 126 -9.29 -28.01 8.89
C PRO B 126 -7.81 -27.67 8.86
N VAL B 127 -7.03 -28.21 9.80
CA VAL B 127 -5.63 -27.83 9.88
C VAL B 127 -4.87 -28.29 8.65
N GLN B 128 -5.11 -29.51 8.20
CA GLN B 128 -4.45 -29.96 6.98
C GLN B 128 -4.92 -29.16 5.78
N LEU B 129 -6.13 -28.63 5.81
CA LEU B 129 -6.63 -27.88 4.67
C LEU B 129 -6.06 -26.46 4.64
N ARG B 130 -5.85 -25.85 5.81
CA ARG B 130 -5.28 -24.51 5.83
C ARG B 130 -3.79 -24.53 5.56
N VAL B 131 -3.11 -25.64 5.85
CA VAL B 131 -1.70 -25.75 5.51
C VAL B 131 -1.51 -25.72 4.00
N LEU B 132 -2.39 -26.40 3.27
CA LEU B 132 -2.31 -26.29 1.82
C LEU B 132 -2.76 -24.91 1.35
N ASN B 133 -3.63 -24.25 2.09
CA ASN B 133 -3.97 -22.88 1.74
C ASN B 133 -2.75 -21.97 1.85
N VAL B 134 -1.98 -22.12 2.92
CA VAL B 134 -0.76 -21.35 3.08
C VAL B 134 0.25 -21.73 2.00
N CYS B 135 0.33 -23.02 1.67
CA CYS B 135 1.30 -23.46 0.69
C CYS B 135 0.97 -22.94 -0.70
N ARG B 136 -0.31 -22.89 -1.06
CA ARG B 136 -0.67 -22.36 -2.37
C ARG B 136 -0.63 -20.84 -2.39
N HIS B 137 -0.96 -20.20 -1.27
CA HIS B 137 -0.82 -18.76 -1.19
C HIS B 137 0.64 -18.36 -1.26
N TRP B 138 1.51 -19.13 -0.63
CA TRP B 138 2.93 -18.86 -0.64
C TRP B 138 3.51 -18.98 -2.04
N VAL B 139 3.14 -20.03 -2.76
CA VAL B 139 3.71 -20.26 -4.09
C VAL B 139 3.18 -19.25 -5.08
N GLU B 140 1.87 -19.00 -5.06
CA GLU B 140 1.28 -18.15 -6.09
C GLU B 140 1.77 -16.72 -5.99
N HIS B 141 1.69 -16.14 -4.81
CA HIS B 141 1.99 -14.71 -4.67
C HIS B 141 3.48 -14.47 -4.41
N HIS B 142 3.99 -14.97 -3.29
CA HIS B 142 5.39 -14.74 -2.93
C HIS B 142 6.24 -15.86 -3.48
N PHE B 143 6.38 -15.89 -4.80
CA PHE B 143 7.15 -16.93 -5.45
C PHE B 143 8.63 -16.64 -5.48
N TYR B 144 9.05 -15.41 -5.17
CA TYR B 144 10.47 -15.10 -5.26
C TYR B 144 11.28 -15.90 -4.25
N ASP B 145 10.65 -16.44 -3.20
CA ASP B 145 11.39 -17.28 -2.26
C ASP B 145 11.92 -18.52 -2.95
N PHE B 146 11.12 -19.13 -3.80
CA PHE B 146 11.54 -20.37 -4.42
C PHE B 146 12.51 -20.14 -5.58
N GLU B 147 12.36 -19.04 -6.31
CA GLU B 147 13.30 -18.76 -7.39
C GLU B 147 14.71 -18.55 -6.85
N ARG B 148 14.84 -17.78 -5.76
CA ARG B 148 16.16 -17.54 -5.19
C ARG B 148 16.78 -18.82 -4.66
N ASP B 149 15.97 -19.66 -4.01
CA ASP B 149 16.45 -20.85 -3.33
C ASP B 149 15.89 -22.06 -4.07
N ALA B 150 16.68 -22.58 -5.01
CA ALA B 150 16.22 -23.72 -5.80
C ALA B 150 16.09 -24.99 -4.97
N TYR B 151 16.72 -25.04 -3.80
CA TYR B 151 16.51 -26.18 -2.91
C TYR B 151 15.15 -26.12 -2.23
N LEU B 152 14.64 -24.91 -1.97
CA LEU B 152 13.34 -24.79 -1.32
C LEU B 152 12.22 -25.31 -2.22
N LEU B 153 12.29 -25.04 -3.52
CA LEU B 153 11.25 -25.52 -4.41
C LEU B 153 11.21 -27.04 -4.44
N GLN B 154 12.38 -27.68 -4.35
CA GLN B 154 12.41 -29.14 -4.33
C GLN B 154 11.73 -29.69 -3.07
N ARG B 155 11.99 -29.08 -1.92
CA ARG B 155 11.30 -29.51 -0.71
C ARG B 155 9.82 -29.21 -0.78
N MET B 156 9.44 -28.15 -1.50
CA MET B 156 8.02 -27.88 -1.70
C MET B 156 7.37 -28.99 -2.50
N GLU B 157 8.02 -29.44 -3.56
CA GLU B 157 7.44 -30.49 -4.40
C GLU B 157 7.53 -31.86 -3.75
N GLU B 158 8.49 -32.07 -2.86
CA GLU B 158 8.49 -33.31 -2.06
C GLU B 158 7.29 -33.34 -1.14
N PHE B 159 6.94 -32.20 -0.54
CA PHE B 159 5.79 -32.15 0.35
C PHE B 159 4.50 -32.38 -0.41
N ILE B 160 4.36 -31.77 -1.60
CA ILE B 160 3.11 -31.89 -2.35
C ILE B 160 2.85 -33.35 -2.73
N GLY B 161 3.89 -34.06 -3.17
CA GLY B 161 3.72 -35.46 -3.50
C GLY B 161 3.33 -36.30 -2.30
N THR B 162 3.73 -35.89 -1.10
CA THR B 162 3.40 -36.63 0.11
C THR B 162 1.90 -36.60 0.39
N VAL B 163 1.21 -35.52 0.00
CA VAL B 163 -0.21 -35.40 0.30
C VAL B 163 -0.96 -36.51 -0.41
N ARG B 164 -1.75 -37.27 0.34
CA ARG B 164 -2.48 -38.40 -0.20
C ARG B 164 -3.92 -38.38 0.28
N GLY B 165 -4.76 -39.05 -0.46
CA GLY B 165 -6.19 -39.09 -0.22
C GLY B 165 -6.96 -38.49 -1.37
N LYS B 166 -8.15 -39.02 -1.61
CA LYS B 166 -8.99 -38.43 -2.65
C LYS B 166 -9.40 -37.02 -2.28
N ALA B 167 -9.73 -36.80 -1.02
CA ALA B 167 -9.79 -35.44 -0.51
C ALA B 167 -8.39 -34.84 -0.57
N MET B 168 -8.31 -33.56 -0.93
CA MET B 168 -7.04 -32.86 -1.07
C MET B 168 -6.20 -33.39 -2.22
N LYS B 169 -6.77 -34.19 -3.12
CA LYS B 169 -6.07 -34.54 -4.33
C LYS B 169 -6.35 -33.57 -5.47
N LYS B 170 -7.43 -32.80 -5.37
CA LYS B 170 -7.66 -31.73 -6.33
C LYS B 170 -6.77 -30.53 -6.05
N TRP B 171 -6.45 -30.29 -4.77
CA TRP B 171 -5.67 -29.10 -4.42
C TRP B 171 -4.21 -29.25 -4.80
N VAL B 172 -3.63 -30.43 -4.58
CA VAL B 172 -2.26 -30.64 -5.01
C VAL B 172 -2.13 -30.59 -6.52
N GLU B 173 -3.23 -30.76 -7.25
CA GLU B 173 -3.21 -30.43 -8.66
C GLU B 173 -3.11 -28.93 -8.88
N SER B 174 -3.71 -28.13 -7.99
CA SER B 174 -3.67 -26.68 -8.16
C SER B 174 -2.30 -26.12 -7.83
N ILE B 175 -1.69 -26.56 -6.73
CA ILE B 175 -0.37 -26.07 -6.39
C ILE B 175 0.63 -26.44 -7.47
N THR B 176 0.55 -27.67 -7.96
CA THR B 176 1.46 -28.10 -9.01
C THR B 176 1.24 -27.31 -10.30
N LYS B 177 -0.01 -27.02 -10.64
CA LYS B 177 -0.27 -26.21 -11.81
C LYS B 177 0.33 -24.82 -11.67
N ILE B 178 0.29 -24.26 -10.47
CA ILE B 178 0.81 -22.92 -10.26
C ILE B 178 2.33 -22.92 -10.34
N ILE B 179 2.98 -23.94 -9.78
CA ILE B 179 4.44 -23.98 -9.80
C ILE B 179 4.95 -24.06 -11.24
N GLN B 180 4.35 -24.94 -12.05
CA GLN B 180 4.80 -25.04 -13.43
C GLN B 180 4.46 -23.79 -14.23
N ARG B 181 3.42 -23.06 -13.83
CA ARG B 181 3.15 -21.77 -14.45
C ARG B 181 4.16 -20.71 -14.03
N LYS B 182 4.51 -20.68 -12.74
CA LYS B 182 5.44 -19.66 -12.27
C LYS B 182 6.86 -19.95 -12.69
N LYS B 183 7.17 -21.19 -13.03
CA LYS B 183 8.56 -21.53 -13.36
C LYS B 183 8.95 -21.04 -14.74
N ILE B 184 8.00 -21.02 -15.68
CA ILE B 184 8.31 -20.65 -17.06
C ILE B 184 8.15 -19.17 -17.34
N ALA B 185 7.49 -18.42 -16.47
CA ALA B 185 7.29 -16.99 -16.68
C ALA B 185 8.58 -16.22 -16.40
N HIS B 192 -3.81 -12.07 -18.23
CA HIS B 192 -4.31 -11.00 -17.38
C HIS B 192 -5.01 -9.96 -18.25
N ASN B 193 -5.74 -10.45 -19.26
CA ASN B 193 -6.52 -9.59 -20.13
C ASN B 193 -7.64 -8.92 -19.37
N ILE B 194 -7.82 -7.63 -19.60
CA ILE B 194 -8.74 -6.82 -18.82
C ILE B 194 -9.97 -6.52 -19.66
N THR B 195 -11.14 -6.63 -19.03
CA THR B 195 -12.42 -6.33 -19.67
C THR B 195 -13.01 -5.09 -19.01
N PHE B 196 -13.39 -4.11 -19.81
CA PHE B 196 -13.98 -2.87 -19.33
C PHE B 196 -15.46 -2.84 -19.64
N GLN B 197 -16.25 -2.36 -18.67
CA GLN B 197 -17.67 -2.16 -18.93
C GLN B 197 -17.90 -1.08 -19.98
N SER B 198 -17.07 -0.05 -19.97
CA SER B 198 -17.21 1.08 -20.87
C SER B 198 -16.07 1.09 -21.89
N SER B 199 -16.36 1.64 -23.06
CA SER B 199 -15.30 1.88 -24.02
C SER B 199 -14.40 3.01 -23.52
N PRO B 200 -13.10 2.95 -23.78
CA PRO B 200 -12.23 4.05 -23.41
C PRO B 200 -12.60 5.30 -24.19
N PRO B 201 -12.55 6.47 -23.55
CA PRO B 201 -12.79 7.71 -24.29
C PRO B 201 -11.74 7.90 -25.36
N THR B 202 -12.15 8.51 -26.47
CA THR B 202 -11.26 8.64 -27.61
C THR B 202 -10.12 9.59 -27.30
N VAL B 203 -8.97 9.32 -27.92
CA VAL B 203 -7.79 10.15 -27.73
C VAL B 203 -8.08 11.55 -28.25
N GLU B 204 -7.63 12.55 -27.50
CA GLU B 204 -7.85 13.95 -27.87
C GLU B 204 -6.55 14.58 -28.35
N TRP B 205 -6.62 15.27 -29.49
CA TRP B 205 -5.44 15.80 -30.14
C TRP B 205 -5.53 17.31 -30.26
N HIS B 206 -4.37 17.92 -30.52
CA HIS B 206 -4.19 19.37 -30.52
C HIS B 206 -3.24 19.69 -31.66
N ILE B 207 -2.60 20.86 -31.60
CA ILE B 207 -1.65 21.33 -32.60
C ILE B 207 -0.78 20.21 -33.15
N SER B 208 -0.29 19.35 -32.27
CA SER B 208 0.48 18.20 -32.73
C SER B 208 -0.43 17.14 -33.30
N ARG B 209 -0.07 16.60 -34.46
CA ARG B 209 -0.92 15.63 -35.13
C ARG B 209 -0.43 14.21 -34.88
N PRO B 210 -1.32 13.22 -34.94
CA PRO B 210 -0.92 11.86 -34.58
C PRO B 210 0.20 11.33 -35.48
N GLY B 211 1.13 10.60 -34.88
CA GLY B 211 2.19 9.94 -35.60
C GLY B 211 3.43 10.77 -35.81
N HIS B 212 3.47 12.03 -35.40
CA HIS B 212 4.62 12.90 -35.59
C HIS B 212 5.29 13.12 -34.24
N ILE B 213 6.18 12.20 -33.87
CA ILE B 213 6.81 12.25 -32.57
C ILE B 213 7.74 13.45 -32.43
N GLU B 214 8.19 14.04 -33.53
CA GLU B 214 9.17 15.11 -33.44
C GLU B 214 8.55 16.42 -32.96
N THR B 215 7.25 16.60 -33.15
CA THR B 215 6.61 17.85 -32.78
C THR B 215 5.96 17.81 -31.40
N PHE B 216 6.10 16.70 -30.68
CA PHE B 216 5.50 16.60 -29.35
C PHE B 216 6.21 17.54 -28.39
N ASP B 217 5.43 18.15 -27.51
CA ASP B 217 5.94 19.02 -26.45
C ASP B 217 4.82 19.27 -25.45
N LEU B 218 5.04 20.22 -24.55
CA LEU B 218 4.03 20.49 -23.52
C LEU B 218 2.84 21.22 -24.10
N LEU B 219 3.07 22.17 -24.99
CA LEU B 219 1.98 22.98 -25.52
C LEU B 219 1.38 22.41 -26.80
N THR B 220 2.10 21.58 -27.52
CA THR B 220 1.56 21.02 -28.75
C THR B 220 0.52 19.95 -28.45
N LEU B 221 0.75 19.14 -27.42
CA LEU B 221 -0.19 18.09 -27.06
C LEU B 221 -1.40 18.65 -26.33
N HIS B 222 -2.52 17.96 -26.47
CA HIS B 222 -3.71 18.39 -25.76
C HIS B 222 -3.49 18.26 -24.25
N PRO B 223 -4.00 19.19 -23.45
CA PRO B 223 -3.83 19.06 -22.01
C PRO B 223 -4.38 17.75 -21.47
N ILE B 224 -5.52 17.30 -21.98
CA ILE B 224 -6.08 16.05 -21.47
C ILE B 224 -5.16 14.89 -21.82
N GLU B 225 -4.70 14.80 -23.05
CA GLU B 225 -4.01 13.59 -23.45
C GLU B 225 -2.61 13.54 -22.86
N ILE B 226 -2.03 14.68 -22.49
CA ILE B 226 -0.85 14.64 -21.65
C ILE B 226 -1.20 14.01 -20.31
N ALA B 227 -2.35 14.38 -19.76
CA ALA B 227 -2.74 13.89 -18.44
C ALA B 227 -3.23 12.46 -18.46
N ARG B 228 -3.82 12.01 -19.56
CA ARG B 228 -4.27 10.63 -19.62
C ARG B 228 -3.09 9.69 -19.85
N GLN B 229 -2.15 10.06 -20.70
CA GLN B 229 -1.01 9.19 -20.92
C GLN B 229 -0.08 9.15 -19.73
N LEU B 230 0.06 10.27 -19.01
CA LEU B 230 0.85 10.24 -17.80
C LEU B 230 0.18 9.39 -16.74
N THR B 231 -1.15 9.40 -16.69
CA THR B 231 -1.86 8.58 -15.72
C THR B 231 -1.73 7.11 -16.04
N LEU B 232 -1.84 6.73 -17.31
CA LEU B 232 -1.59 5.35 -17.66
C LEU B 232 -0.14 4.98 -17.43
N LEU B 233 0.79 5.88 -17.77
CA LEU B 233 2.19 5.60 -17.55
C LEU B 233 2.51 5.46 -16.09
N GLU B 234 1.93 6.32 -15.24
CA GLU B 234 2.19 6.25 -13.82
C GLU B 234 1.41 5.15 -13.15
N SER B 235 0.22 4.84 -13.64
CA SER B 235 -0.52 3.72 -13.06
C SER B 235 0.20 2.41 -13.31
N ASP B 236 0.78 2.25 -14.49
CA ASP B 236 1.50 1.01 -14.79
C ASP B 236 2.71 0.85 -13.88
N LEU B 237 3.41 1.94 -13.61
CA LEU B 237 4.55 1.86 -12.70
C LEU B 237 4.11 1.63 -11.27
N TYR B 238 2.91 2.07 -10.91
CA TYR B 238 2.40 1.84 -9.58
C TYR B 238 1.91 0.42 -9.40
N ARG B 239 1.35 -0.17 -10.45
CA ARG B 239 0.82 -1.52 -10.32
C ARG B 239 1.89 -2.59 -10.39
N ALA B 240 3.12 -2.22 -10.72
CA ALA B 240 4.19 -3.19 -10.78
C ALA B 240 4.92 -3.33 -9.45
N VAL B 241 4.64 -2.47 -8.48
CA VAL B 241 5.38 -2.48 -7.22
C VAL B 241 4.84 -3.58 -6.34
N GLN B 242 5.64 -4.56 -6.09
CA GLN B 242 5.29 -5.71 -5.27
C GLN B 242 5.72 -5.49 -3.83
N PRO B 243 5.06 -6.10 -2.86
CA PRO B 243 5.40 -5.84 -1.45
C PRO B 243 6.79 -6.30 -1.07
N SER B 244 7.43 -7.16 -1.87
CA SER B 244 8.78 -7.58 -1.54
C SER B 244 9.78 -6.45 -1.65
N GLU B 245 9.41 -5.34 -2.28
CA GLU B 245 10.28 -4.19 -2.42
C GLU B 245 10.06 -3.15 -1.34
N LEU B 246 9.21 -3.42 -0.37
CA LEU B 246 8.95 -2.46 0.68
C LEU B 246 9.06 -3.03 2.08
N VAL B 247 8.86 -4.33 2.28
CA VAL B 247 8.60 -4.83 3.61
C VAL B 247 9.83 -4.73 4.50
N GLY B 248 11.02 -4.93 3.96
CA GLY B 248 12.20 -4.92 4.79
C GLY B 248 12.82 -3.56 5.00
N SER B 249 12.13 -2.49 4.62
CA SER B 249 12.74 -1.18 4.47
C SER B 249 13.89 -1.22 3.48
N VAL B 250 13.82 -2.13 2.52
CA VAL B 250 14.98 -2.48 1.70
C VAL B 250 15.33 -1.43 0.67
N TRP B 251 14.38 -0.59 0.25
CA TRP B 251 14.69 0.37 -0.80
C TRP B 251 15.71 1.41 -0.35
N THR B 252 15.92 1.58 0.94
CA THR B 252 16.94 2.49 1.45
C THR B 252 18.26 1.80 1.76
N LYS B 253 18.32 0.47 1.70
CA LYS B 253 19.56 -0.22 1.98
C LYS B 253 20.54 -0.01 0.83
N GLU B 254 21.69 -0.68 0.89
CA GLU B 254 22.67 -0.51 -0.17
C GLU B 254 22.34 -1.38 -1.38
N ASP B 255 21.47 -2.37 -1.23
CA ASP B 255 20.93 -3.11 -2.37
C ASP B 255 19.57 -2.56 -2.79
N LYS B 256 19.52 -1.27 -3.09
CA LYS B 256 18.25 -0.72 -3.55
C LYS B 256 17.95 -1.14 -4.99
N GLU B 257 18.96 -1.17 -5.85
CA GLU B 257 18.71 -1.42 -7.26
C GLU B 257 18.43 -2.89 -7.54
N ILE B 258 18.79 -3.77 -6.62
CA ILE B 258 18.51 -5.20 -6.82
C ILE B 258 17.19 -5.58 -6.18
N ASN B 259 16.95 -5.11 -4.96
CA ASN B 259 15.75 -5.48 -4.24
C ASN B 259 14.52 -4.77 -4.79
N SER B 260 14.64 -3.49 -5.09
CA SER B 260 13.50 -2.65 -5.43
C SER B 260 13.72 -1.97 -6.77
N PRO B 261 13.68 -2.72 -7.85
CA PRO B 261 13.81 -2.08 -9.16
C PRO B 261 12.52 -1.45 -9.61
N ASN B 262 11.39 -2.07 -9.22
CA ASN B 262 10.09 -1.56 -9.62
C ASN B 262 9.73 -0.29 -8.88
N LEU B 263 10.02 -0.24 -7.58
CA LEU B 263 9.71 0.97 -6.82
C LEU B 263 10.60 2.13 -7.25
N LEU B 264 11.90 1.87 -7.41
CA LEU B 264 12.80 2.95 -7.80
C LEU B 264 12.55 3.44 -9.21
N LYS B 265 11.92 2.63 -10.05
CA LYS B 265 11.56 3.14 -11.37
C LYS B 265 10.38 4.08 -11.30
N MET B 266 9.51 3.91 -10.30
CA MET B 266 8.39 4.83 -10.17
C MET B 266 8.80 6.12 -9.50
N ILE B 267 9.65 6.06 -8.49
CA ILE B 267 10.15 7.27 -7.88
C ILE B 267 10.92 8.10 -8.89
N ARG B 268 11.79 7.46 -9.66
CA ARG B 268 12.59 8.19 -10.62
C ARG B 268 11.78 8.72 -11.78
N HIS B 269 10.61 8.14 -12.05
CA HIS B 269 9.73 8.73 -13.04
C HIS B 269 9.03 9.97 -12.50
N THR B 270 8.57 9.92 -11.25
CA THR B 270 7.95 11.10 -10.66
C THR B 270 8.93 12.25 -10.59
N THR B 271 10.19 11.98 -10.29
CA THR B 271 11.18 13.05 -10.28
C THR B 271 11.38 13.64 -11.68
N ASN B 272 11.35 12.80 -12.71
CA ASN B 272 11.55 13.33 -14.06
C ASN B 272 10.46 14.31 -14.45
N LEU B 273 9.21 13.97 -14.18
CA LEU B 273 8.14 14.88 -14.56
C LEU B 273 8.22 16.18 -13.78
N THR B 274 8.55 16.10 -12.49
CA THR B 274 8.64 17.32 -11.70
C THR B 274 9.71 18.25 -12.24
N LEU B 275 10.84 17.69 -12.66
CA LEU B 275 11.89 18.53 -13.25
C LEU B 275 11.52 18.95 -14.66
N TRP B 276 10.78 18.11 -15.39
CA TRP B 276 10.31 18.53 -16.70
C TRP B 276 9.34 19.69 -16.59
N PHE B 277 8.44 19.65 -15.60
CA PHE B 277 7.54 20.77 -15.40
C PHE B 277 8.30 22.02 -14.96
N GLU B 278 9.33 21.86 -14.13
CA GLU B 278 10.19 22.98 -13.80
C GLU B 278 10.91 23.48 -15.04
N LYS B 279 11.44 22.56 -15.85
CA LYS B 279 12.24 22.97 -17.00
C LYS B 279 11.40 23.72 -18.02
N CYS B 280 10.16 23.28 -18.24
CA CYS B 280 9.31 23.98 -19.19
C CYS B 280 8.98 25.39 -18.70
N ILE B 281 8.77 25.55 -17.39
CA ILE B 281 8.34 26.84 -16.87
C ILE B 281 9.47 27.86 -16.91
N VAL B 282 10.66 27.47 -16.47
CA VAL B 282 11.70 28.48 -16.35
C VAL B 282 12.44 28.68 -17.66
N GLU B 283 12.40 27.72 -18.57
CA GLU B 283 13.12 27.92 -19.81
C GLU B 283 12.35 28.77 -20.81
N THR B 284 11.07 29.02 -20.59
CA THR B 284 10.32 29.92 -21.45
C THR B 284 10.63 31.33 -21.03
N GLU B 285 11.45 32.03 -21.82
CA GLU B 285 11.93 33.33 -21.42
C GLU B 285 10.81 34.37 -21.45
N ASN B 286 10.03 34.40 -22.53
CA ASN B 286 9.04 35.45 -22.69
C ASN B 286 7.92 35.31 -21.67
N LEU B 287 7.58 36.41 -21.00
CA LEU B 287 6.59 36.35 -19.94
C LEU B 287 5.23 35.91 -20.45
N GLU B 288 4.80 36.43 -21.59
CA GLU B 288 3.50 36.04 -22.13
C GLU B 288 3.47 34.56 -22.47
N GLU B 289 4.56 34.04 -23.04
CA GLU B 289 4.64 32.60 -23.30
C GLU B 289 4.69 31.82 -21.99
N ARG B 290 5.50 32.26 -21.04
CA ARG B 290 5.67 31.52 -19.81
C ARG B 290 4.35 31.40 -19.06
N VAL B 291 3.58 32.49 -19.00
CA VAL B 291 2.27 32.44 -18.36
C VAL B 291 1.38 31.42 -19.06
N ALA B 292 1.49 31.35 -20.39
CA ALA B 292 0.69 30.37 -21.12
C ALA B 292 1.13 28.95 -20.79
N VAL B 293 2.42 28.75 -20.51
CA VAL B 293 2.89 27.43 -20.11
C VAL B 293 2.41 27.09 -18.71
N VAL B 294 2.61 27.99 -17.76
CA VAL B 294 2.22 27.71 -16.38
C VAL B 294 0.73 27.43 -16.31
N SER B 295 -0.06 28.09 -17.15
CA SER B 295 -1.48 27.79 -17.22
C SER B 295 -1.74 26.43 -17.84
N ARG B 296 -0.92 26.03 -18.81
CA ARG B 296 -1.10 24.71 -19.40
C ARG B 296 -0.85 23.61 -18.39
N ILE B 297 0.14 23.81 -17.53
CA ILE B 297 0.45 22.80 -16.52
C ILE B 297 -0.66 22.72 -15.50
N ILE B 298 -1.26 23.85 -15.13
CA ILE B 298 -2.35 23.81 -14.17
C ILE B 298 -3.57 23.15 -14.77
N GLU B 299 -3.78 23.29 -16.08
CA GLU B 299 -4.86 22.53 -16.71
C GLU B 299 -4.60 21.04 -16.67
N ILE B 300 -3.33 20.64 -16.76
CA ILE B 300 -3.01 19.23 -16.59
C ILE B 300 -3.23 18.79 -15.15
N LEU B 301 -2.84 19.62 -14.19
CA LEU B 301 -3.10 19.30 -12.80
C LEU B 301 -4.58 19.18 -12.52
N GLN B 302 -5.42 19.84 -13.32
CA GLN B 302 -6.85 19.70 -13.14
C GLN B 302 -7.35 18.34 -13.62
N VAL B 303 -6.79 17.83 -14.71
CA VAL B 303 -7.19 16.51 -15.18
C VAL B 303 -6.69 15.41 -14.24
N PHE B 304 -5.50 15.56 -13.66
CA PHE B 304 -5.07 14.62 -12.64
C PHE B 304 -6.05 14.52 -11.48
N GLN B 305 -6.73 15.60 -11.14
CA GLN B 305 -7.70 15.45 -10.06
C GLN B 305 -8.97 14.75 -10.54
N GLU B 306 -9.30 14.87 -11.83
CA GLU B 306 -10.46 14.14 -12.35
C GLU B 306 -10.19 12.65 -12.44
N LEU B 307 -8.99 12.28 -12.85
CA LEU B 307 -8.63 10.88 -12.97
C LEU B 307 -8.17 10.29 -11.65
N ASN B 308 -8.22 11.05 -10.57
CA ASN B 308 -7.74 10.61 -9.26
C ASN B 308 -6.30 10.14 -9.34
N ASN B 309 -5.48 10.87 -10.09
CA ASN B 309 -4.08 10.53 -10.23
C ASN B 309 -3.27 11.36 -9.25
N PHE B 310 -3.33 10.98 -7.98
CA PHE B 310 -2.76 11.81 -6.94
C PHE B 310 -1.25 11.83 -6.97
N ASN B 311 -0.61 10.94 -7.71
CA ASN B 311 0.82 11.07 -7.91
C ASN B 311 1.14 12.22 -8.82
N GLY B 312 0.35 12.40 -9.87
CA GLY B 312 0.56 13.54 -10.75
C GLY B 312 0.22 14.86 -10.09
N VAL B 313 -0.78 14.87 -9.21
CA VAL B 313 -1.14 16.10 -8.52
C VAL B 313 0.01 16.57 -7.65
N LEU B 314 0.73 15.64 -7.04
CA LEU B 314 1.86 15.97 -6.20
C LEU B 314 3.18 16.02 -6.97
N GLU B 315 3.14 15.88 -8.28
CA GLU B 315 4.30 16.16 -9.12
C GLU B 315 4.11 17.40 -9.98
N VAL B 316 2.93 17.99 -9.99
CA VAL B 316 2.74 19.35 -10.47
C VAL B 316 2.78 20.35 -9.32
N VAL B 317 2.16 19.99 -8.19
CA VAL B 317 2.26 20.82 -7.00
C VAL B 317 3.71 20.94 -6.55
N SER B 318 4.46 19.86 -6.66
CA SER B 318 5.87 19.91 -6.28
C SER B 318 6.70 20.71 -7.25
N ALA B 319 6.20 20.94 -8.47
CA ALA B 319 6.94 21.78 -9.41
C ALA B 319 6.65 23.25 -9.19
N MET B 320 5.41 23.60 -8.81
CA MET B 320 5.07 24.98 -8.49
C MET B 320 5.56 25.40 -7.12
N ASN B 321 5.91 24.47 -6.25
CA ASN B 321 6.48 24.83 -4.97
C ASN B 321 7.99 24.77 -4.96
N SER B 322 8.60 24.34 -6.05
CA SER B 322 10.04 24.28 -6.11
C SER B 322 10.62 25.68 -6.08
N SER B 323 11.84 25.79 -5.58
CA SER B 323 12.48 27.10 -5.47
C SER B 323 12.64 27.82 -6.81
N PRO B 324 12.99 27.18 -7.93
CA PRO B 324 13.05 27.92 -9.19
C PRO B 324 11.72 28.49 -9.65
N VAL B 325 10.59 27.91 -9.27
CA VAL B 325 9.30 28.31 -9.80
C VAL B 325 8.46 29.08 -8.79
N TYR B 326 8.64 28.86 -7.49
CA TYR B 326 7.85 29.59 -6.51
C TYR B 326 8.12 31.08 -6.60
N ARG B 327 9.38 31.46 -6.76
CA ARG B 327 9.77 32.85 -6.73
C ARG B 327 9.28 33.63 -7.94
N LEU B 328 8.86 32.95 -9.00
CA LEU B 328 8.39 33.63 -10.21
C LEU B 328 7.05 34.28 -9.89
N ASP B 329 7.14 35.40 -9.18
CA ASP B 329 5.93 36.09 -8.74
C ASP B 329 5.28 36.91 -9.83
N HIS B 330 6.01 37.26 -10.89
CA HIS B 330 5.38 37.99 -11.98
C HIS B 330 4.54 37.08 -12.85
N THR B 331 5.02 35.87 -13.12
CA THR B 331 4.27 34.97 -13.99
C THR B 331 3.08 34.34 -13.31
N PHE B 332 2.99 34.40 -11.99
CA PHE B 332 1.84 33.84 -11.30
C PHE B 332 0.74 34.86 -11.08
N GLU B 333 1.05 36.15 -11.20
CA GLU B 333 0.03 37.17 -11.04
C GLU B 333 -0.90 37.22 -12.25
N GLN B 334 -0.38 36.87 -13.42
CA GLN B 334 -1.16 36.95 -14.65
C GLN B 334 -2.04 35.74 -14.89
N ILE B 335 -1.90 34.69 -14.09
CA ILE B 335 -2.77 33.51 -14.24
C ILE B 335 -4.19 33.87 -13.86
N PRO B 336 -5.20 33.45 -14.62
CA PRO B 336 -6.59 33.74 -14.23
C PRO B 336 -6.91 33.14 -12.87
N SER B 337 -7.73 33.87 -12.11
CA SER B 337 -7.98 33.49 -10.72
C SER B 337 -8.67 32.14 -10.61
N ARG B 338 -9.31 31.68 -11.68
CA ARG B 338 -9.86 30.33 -11.66
C ARG B 338 -8.77 29.29 -11.53
N GLN B 339 -7.67 29.46 -12.28
CA GLN B 339 -6.59 28.49 -12.23
C GLN B 339 -5.68 28.69 -11.03
N LYS B 340 -5.70 29.87 -10.41
CA LYS B 340 -5.03 29.99 -9.13
C LYS B 340 -5.84 29.34 -8.02
N LYS B 341 -7.15 29.24 -8.19
CA LYS B 341 -7.94 28.51 -7.21
C LYS B 341 -7.67 27.01 -7.26
N ILE B 342 -7.39 26.48 -8.46
CA ILE B 342 -7.07 25.07 -8.56
C ILE B 342 -5.75 24.77 -7.87
N LEU B 343 -4.75 25.61 -8.10
CA LEU B 343 -3.43 25.35 -7.52
C LEU B 343 -3.46 25.45 -6.00
N GLU B 344 -4.25 26.38 -5.45
CA GLU B 344 -4.35 26.47 -4.00
C GLU B 344 -5.15 25.31 -3.43
N GLU B 345 -6.14 24.82 -4.18
CA GLU B 345 -6.84 23.62 -3.76
C GLU B 345 -5.94 22.40 -3.84
N ALA B 346 -5.18 22.28 -4.92
CA ALA B 346 -4.29 21.13 -5.09
C ALA B 346 -3.15 21.16 -4.10
N HIS B 347 -2.65 22.33 -3.76
CA HIS B 347 -1.55 22.40 -2.80
C HIS B 347 -2.01 22.12 -1.39
N GLU B 348 -3.29 22.33 -1.08
CA GLU B 348 -3.76 22.03 0.26
C GLU B 348 -3.76 20.54 0.57
N LEU B 349 -3.69 19.70 -0.44
CA LEU B 349 -3.63 18.27 -0.19
C LEU B 349 -2.37 17.91 0.59
N SER B 350 -1.26 18.59 0.32
CA SER B 350 0.00 18.26 0.96
C SER B 350 0.22 18.99 2.27
N GLU B 351 -0.68 19.90 2.65
CA GLU B 351 -0.50 20.66 3.88
C GLU B 351 -0.86 19.81 5.09
N ASP B 352 -0.23 20.13 6.21
CA ASP B 352 -0.55 19.51 7.50
C ASP B 352 -0.38 17.99 7.44
N HIS B 353 0.79 17.57 6.96
CA HIS B 353 1.14 16.15 6.93
C HIS B 353 0.14 15.34 6.11
N TYR B 354 -0.24 15.87 4.96
CA TYR B 354 -1.13 15.18 4.03
C TYR B 354 -2.46 14.83 4.66
N LYS B 355 -2.99 15.70 5.51
CA LYS B 355 -4.26 15.40 6.15
C LYS B 355 -5.41 15.53 5.16
N LYS B 356 -5.37 16.54 4.28
CA LYS B 356 -6.45 16.70 3.33
C LYS B 356 -6.31 15.77 2.15
N TYR B 357 -5.12 15.22 1.90
CA TYR B 357 -4.96 14.26 0.83
C TYR B 357 -5.30 12.86 1.27
N LEU B 358 -4.95 12.50 2.51
CA LEU B 358 -5.33 11.19 3.02
C LEU B 358 -6.84 11.05 3.10
N ALA B 359 -7.54 12.15 3.39
CA ALA B 359 -8.99 12.10 3.40
C ALA B 359 -9.57 12.04 2.00
N LYS B 360 -8.83 12.50 1.00
CA LYS B 360 -9.29 12.35 -0.38
C LYS B 360 -9.04 10.94 -0.90
N LEU B 361 -7.95 10.32 -0.47
CA LEU B 361 -7.64 8.99 -0.96
C LEU B 361 -8.62 7.95 -0.44
N ARG B 362 -9.32 8.23 0.66
CA ARG B 362 -10.25 7.28 1.24
C ARG B 362 -11.69 7.62 0.96
N SER B 363 -11.96 8.50 0.01
CA SER B 363 -13.33 8.87 -0.32
C SER B 363 -13.48 9.08 -1.81
N ILE B 364 -12.96 8.15 -2.60
CA ILE B 364 -13.03 8.23 -4.06
C ILE B 364 -13.32 6.85 -4.61
N ASN B 365 -13.84 6.83 -5.84
CA ASN B 365 -14.07 5.59 -6.56
C ASN B 365 -12.81 5.21 -7.30
N PRO B 366 -12.06 4.21 -6.86
CA PRO B 366 -10.69 4.08 -7.27
C PRO B 366 -10.55 3.34 -8.60
N PRO B 367 -10.24 4.03 -9.66
CA PRO B 367 -8.94 3.79 -10.28
C PRO B 367 -8.02 4.88 -9.76
N CYS B 368 -6.87 4.55 -9.19
CA CYS B 368 -6.04 5.56 -8.57
C CYS B 368 -4.58 5.35 -8.88
N VAL B 369 -3.81 6.40 -8.69
CA VAL B 369 -2.37 6.31 -8.57
C VAL B 369 -2.02 7.03 -7.28
N PRO B 370 -2.05 6.38 -6.16
CA PRO B 370 -1.68 7.05 -4.92
C PRO B 370 -0.25 7.51 -4.94
N PHE B 371 0.17 8.11 -3.84
CA PHE B 371 1.49 8.67 -3.70
C PHE B 371 2.30 7.76 -2.79
N PHE B 372 3.36 7.14 -3.31
CA PHE B 372 4.26 6.41 -2.43
C PHE B 372 5.06 7.29 -1.49
N GLY B 373 4.94 8.61 -1.53
CA GLY B 373 5.69 9.39 -0.57
C GLY B 373 5.34 9.02 0.86
N ILE B 374 4.06 8.77 1.11
CA ILE B 374 3.60 8.55 2.48
C ILE B 374 3.51 7.08 2.86
N TYR B 375 3.55 6.16 1.89
CA TYR B 375 3.69 4.76 2.25
C TYR B 375 5.13 4.39 2.49
N LEU B 376 6.08 5.12 1.92
CA LEU B 376 7.47 4.85 2.19
C LEU B 376 7.88 5.39 3.54
N THR B 377 7.37 6.54 3.92
CA THR B 377 7.74 7.09 5.21
C THR B 377 6.93 6.51 6.35
N ASN B 378 5.91 5.72 6.08
CA ASN B 378 5.22 4.99 7.14
C ASN B 378 5.80 3.61 7.34
N ILE B 379 6.15 2.93 6.25
CA ILE B 379 6.78 1.62 6.39
C ILE B 379 8.13 1.75 7.04
N LEU B 380 8.85 2.83 6.75
CA LEU B 380 10.20 2.98 7.30
C LEU B 380 10.14 3.40 8.75
N LYS B 381 9.18 4.22 9.14
CA LYS B 381 9.12 4.62 10.55
C LYS B 381 8.42 3.58 11.40
N THR B 382 7.56 2.76 10.83
CA THR B 382 6.97 1.67 11.60
C THR B 382 8.02 0.62 11.93
N GLU B 383 8.97 0.38 11.04
CA GLU B 383 10.00 -0.60 11.31
C GLU B 383 11.07 -0.10 12.25
N GLU B 384 11.38 1.20 12.24
CA GLU B 384 12.33 1.72 13.21
C GLU B 384 11.71 1.83 14.59
N GLY B 385 10.50 2.35 14.67
CA GLY B 385 9.94 2.69 15.97
C GLY B 385 9.65 1.48 16.82
N ASN B 386 8.96 0.51 16.28
CA ASN B 386 8.54 -0.62 17.07
C ASN B 386 9.71 -1.59 17.30
N PRO B 387 9.71 -2.31 18.41
CA PRO B 387 10.82 -3.22 18.69
C PRO B 387 10.62 -4.55 18.00
N GLU B 388 11.75 -5.15 17.62
CA GLU B 388 11.72 -6.39 16.86
C GLU B 388 11.05 -7.51 17.64
N VAL B 389 11.36 -7.63 18.94
CA VAL B 389 10.80 -8.69 19.77
C VAL B 389 10.19 -8.09 21.01
N LEU B 390 9.23 -8.80 21.59
CA LEU B 390 8.61 -8.43 22.84
C LEU B 390 9.05 -9.43 23.90
N LYS B 391 9.56 -8.93 25.01
CA LYS B 391 10.02 -9.78 26.10
C LYS B 391 8.98 -9.74 27.21
N ARG B 392 8.23 -10.82 27.38
CA ARG B 392 7.25 -10.91 28.44
C ARG B 392 7.47 -12.20 29.21
N HIS B 393 7.52 -12.10 30.54
CA HIS B 393 7.80 -13.21 31.42
C HIS B 393 9.16 -13.85 31.09
N GLY B 394 10.12 -13.04 30.66
CA GLY B 394 11.46 -13.52 30.43
C GLY B 394 11.66 -14.34 29.18
N LYS B 395 10.67 -14.43 28.30
CA LYS B 395 10.79 -15.17 27.06
C LYS B 395 10.62 -14.23 25.87
N GLU B 396 11.42 -14.44 24.83
CA GLU B 396 11.43 -13.55 23.69
C GLU B 396 10.35 -13.94 22.69
N LEU B 397 9.31 -13.13 22.61
CA LEU B 397 8.22 -13.34 21.67
C LEU B 397 8.42 -12.42 20.48
N ILE B 398 8.14 -12.94 19.29
CA ILE B 398 8.21 -12.12 18.08
C ILE B 398 7.11 -11.08 18.11
N ASN B 399 7.49 -9.83 17.88
CA ASN B 399 6.52 -8.74 17.88
C ASN B 399 5.74 -8.83 16.59
N PHE B 400 4.59 -9.47 16.65
CA PHE B 400 3.77 -9.53 15.46
C PHE B 400 2.99 -8.25 15.23
N SER B 401 2.86 -7.40 16.24
CA SER B 401 2.17 -6.13 16.03
C SER B 401 2.97 -5.22 15.12
N LYS B 402 4.30 -5.30 15.16
CA LYS B 402 5.09 -4.51 14.23
C LYS B 402 4.85 -4.95 12.80
N ARG B 403 4.79 -6.26 12.57
CA ARG B 403 4.65 -6.79 11.23
C ARG B 403 3.21 -6.85 10.77
N ARG B 404 2.26 -6.59 11.65
CA ARG B 404 0.90 -6.44 11.20
C ARG B 404 0.60 -5.02 10.76
N LYS B 405 1.24 -4.02 11.39
CA LYS B 405 1.10 -2.65 10.94
C LYS B 405 1.75 -2.46 9.58
N VAL B 406 2.92 -3.06 9.36
CA VAL B 406 3.60 -2.95 8.07
C VAL B 406 2.76 -3.58 6.98
N ALA B 407 2.20 -4.76 7.24
CA ALA B 407 1.39 -5.43 6.24
C ALA B 407 0.02 -4.81 6.08
N GLU B 408 -0.37 -3.87 6.94
CA GLU B 408 -1.55 -3.09 6.65
C GLU B 408 -1.26 -2.01 5.63
N ILE B 409 -0.02 -1.52 5.59
CA ILE B 409 0.36 -0.52 4.60
C ILE B 409 0.63 -1.17 3.25
N THR B 410 1.35 -2.28 3.23
CA THR B 410 1.51 -2.97 1.95
C THR B 410 0.23 -3.65 1.53
N GLY B 411 -0.77 -3.71 2.40
CA GLY B 411 -2.07 -4.21 2.04
C GLY B 411 -3.03 -3.08 1.70
N GLU B 412 -2.62 -1.86 2.02
CA GLU B 412 -3.34 -0.69 1.56
C GLU B 412 -2.84 -0.21 0.22
N ILE B 413 -1.60 -0.51 -0.12
CA ILE B 413 -1.14 -0.27 -1.47
C ILE B 413 -1.91 -1.14 -2.45
N GLN B 414 -2.12 -2.40 -2.08
CA GLN B 414 -2.64 -3.35 -3.05
C GLN B 414 -4.11 -3.16 -3.32
N GLN B 415 -4.87 -2.57 -2.40
CA GLN B 415 -6.27 -2.38 -2.71
C GLN B 415 -6.47 -1.29 -3.76
N TYR B 416 -5.41 -0.56 -4.13
CA TYR B 416 -5.46 0.40 -5.21
C TYR B 416 -4.82 -0.11 -6.48
N GLN B 417 -4.00 -1.15 -6.40
CA GLN B 417 -3.36 -1.70 -7.58
C GLN B 417 -4.31 -2.55 -8.40
N ASN B 418 -5.40 -3.02 -7.80
CA ASN B 418 -6.26 -3.96 -8.49
C ASN B 418 -6.95 -3.33 -9.68
N GLN B 419 -7.64 -2.22 -9.47
CA GLN B 419 -8.48 -1.66 -10.50
C GLN B 419 -7.65 -0.93 -11.55
N PRO B 420 -7.78 -1.27 -12.82
CA PRO B 420 -7.02 -0.59 -13.86
C PRO B 420 -7.78 0.63 -14.36
N TYR B 421 -7.17 1.34 -15.30
CA TYR B 421 -7.77 2.51 -15.90
C TYR B 421 -8.48 2.16 -17.20
N CYS B 422 -9.58 2.86 -17.46
CA CYS B 422 -10.28 2.76 -18.74
C CYS B 422 -9.88 3.93 -19.62
N LEU B 423 -8.63 3.88 -20.09
CA LEU B 423 -8.11 4.90 -20.99
C LEU B 423 -7.33 4.20 -22.09
N ARG B 424 -7.34 4.78 -23.28
CA ARG B 424 -6.64 4.17 -24.40
C ARG B 424 -5.18 4.54 -24.36
N VAL B 425 -4.31 3.53 -24.49
CA VAL B 425 -2.88 3.74 -24.47
C VAL B 425 -2.46 4.19 -25.86
N GLU B 426 -1.86 5.38 -25.93
CA GLU B 426 -1.32 5.88 -27.18
C GLU B 426 0.17 5.60 -27.20
N SER B 427 0.60 4.73 -28.11
CA SER B 427 1.98 4.26 -28.08
C SER B 427 2.96 5.37 -28.40
N ASP B 428 2.57 6.31 -29.27
CA ASP B 428 3.48 7.38 -29.65
C ASP B 428 3.76 8.32 -28.50
N ILE B 429 2.72 8.71 -27.75
CA ILE B 429 2.93 9.59 -26.61
C ILE B 429 3.63 8.83 -25.49
N LYS B 430 3.17 7.63 -25.17
CA LYS B 430 3.73 6.90 -24.04
C LYS B 430 5.21 6.67 -24.23
N ARG B 431 5.68 6.62 -25.47
CA ARG B 431 7.12 6.53 -25.69
C ARG B 431 7.79 7.87 -25.48
N PHE B 432 7.07 8.97 -25.71
CA PHE B 432 7.68 10.27 -25.51
C PHE B 432 7.90 10.56 -24.04
N PHE B 433 7.06 10.04 -23.16
CA PHE B 433 7.18 10.29 -21.74
C PHE B 433 8.10 9.31 -21.03
N GLU B 434 8.23 8.09 -21.56
CA GLU B 434 9.24 7.20 -21.00
C GLU B 434 10.64 7.70 -21.31
N ASN B 435 10.82 8.33 -22.47
CA ASN B 435 12.10 8.88 -22.88
C ASN B 435 12.18 10.37 -22.61
N LEU B 436 11.96 10.74 -21.35
CA LEU B 436 12.14 12.12 -20.90
C LEU B 436 13.45 12.23 -20.15
N ASN B 437 14.28 13.17 -20.56
CA ASN B 437 15.57 13.42 -19.91
C ASN B 437 15.70 14.90 -19.62
N PRO B 438 14.94 15.42 -18.66
CA PRO B 438 15.07 16.84 -18.33
C PRO B 438 16.48 17.19 -17.87
N MET B 439 17.14 16.29 -17.18
CA MET B 439 18.51 16.54 -16.76
C MET B 439 19.45 16.64 -17.94
N GLY B 440 19.18 15.90 -19.00
CA GLY B 440 20.15 15.82 -20.08
C GLY B 440 21.33 15.01 -19.61
N ASN B 441 22.53 15.54 -19.84
CA ASN B 441 23.72 14.89 -19.31
C ASN B 441 24.10 15.38 -17.92
N SER B 442 23.41 16.40 -17.41
CA SER B 442 23.83 17.03 -16.17
C SER B 442 23.51 16.14 -14.97
N MET B 443 24.08 16.51 -13.84
CA MET B 443 23.86 15.81 -12.59
C MET B 443 22.84 16.56 -11.74
N GLU B 444 22.45 15.94 -10.62
CA GLU B 444 21.32 16.42 -9.86
C GLU B 444 21.54 17.82 -9.32
N LYS B 445 22.72 18.08 -8.76
CA LYS B 445 22.96 19.40 -8.17
C LYS B 445 23.17 20.45 -9.26
N GLU B 446 23.88 20.11 -10.33
CA GLU B 446 24.10 21.11 -11.38
C GLU B 446 22.78 21.54 -12.00
N PHE B 447 21.89 20.59 -12.29
CA PHE B 447 20.62 20.94 -12.91
C PHE B 447 19.78 21.81 -12.00
N THR B 448 19.69 21.45 -10.72
CA THR B 448 18.90 22.24 -9.79
C THR B 448 19.44 23.66 -9.70
N ASP B 449 20.76 23.82 -9.76
CA ASP B 449 21.33 25.16 -9.85
C ASP B 449 21.05 25.79 -11.21
N TYR B 450 21.13 25.01 -12.28
CA TYR B 450 20.89 25.57 -13.62
C TYR B 450 19.45 26.07 -13.73
N LEU B 451 18.50 25.36 -13.15
CA LEU B 451 17.12 25.85 -13.17
C LEU B 451 16.96 27.11 -12.35
N PHE B 452 17.57 27.15 -11.16
CA PHE B 452 17.41 28.33 -10.31
C PHE B 452 18.07 29.54 -10.93
N ASN B 453 19.28 29.39 -11.45
CA ASN B 453 19.95 30.53 -12.05
C ASN B 453 19.19 31.03 -13.27
N LYS B 454 18.65 30.12 -14.08
CA LYS B 454 17.80 30.55 -15.17
C LYS B 454 16.51 31.17 -14.66
N SER B 455 16.10 30.85 -13.44
CA SER B 455 14.98 31.58 -12.86
C SER B 455 15.40 32.95 -12.37
N LEU B 456 16.66 33.12 -11.97
CA LEU B 456 17.14 34.45 -11.61
C LEU B 456 17.41 35.31 -12.85
N GLU B 457 17.51 34.67 -14.02
CA GLU B 457 17.75 35.42 -15.24
C GLU B 457 16.45 35.99 -15.82
N ILE B 458 15.36 35.23 -15.76
CA ILE B 458 14.14 35.64 -16.45
C ILE B 458 13.32 36.60 -15.60
N GLU B 459 13.36 36.44 -14.27
CA GLU B 459 12.74 37.38 -13.34
C GLU B 459 13.76 37.72 -12.26
N PRO B 460 14.62 38.70 -12.50
CA PRO B 460 15.68 39.00 -11.54
C PRO B 460 15.12 39.53 -10.24
N ARG B 461 15.84 39.27 -9.16
CA ARG B 461 15.41 39.69 -7.84
C ARG B 461 15.34 41.20 -7.77
N ASN B 462 14.37 41.70 -6.99
CA ASN B 462 14.18 43.13 -6.89
C ASN B 462 15.42 43.80 -6.31
N PRO B 463 15.68 45.07 -6.68
CA PRO B 463 14.85 45.92 -7.53
C PRO B 463 15.24 45.93 -9.00
N LYS B 464 16.01 44.95 -9.45
CA LYS B 464 16.47 44.95 -10.84
C LYS B 464 15.27 44.83 -11.78
N PRO B 465 15.30 45.47 -12.94
CA PRO B 465 14.14 45.45 -13.84
C PRO B 465 13.90 44.07 -14.42
N LEU B 466 12.67 43.85 -14.88
CA LEU B 466 12.31 42.61 -15.54
C LEU B 466 12.57 42.79 -17.03
N PRO B 467 13.57 42.14 -17.61
CA PRO B 467 13.89 42.37 -19.02
C PRO B 467 12.95 41.62 -19.95
N ARG B 468 12.60 42.26 -21.06
CA ARG B 468 11.77 41.62 -22.07
C ARG B 468 12.58 40.58 -22.83
N PHE B 469 11.90 39.50 -23.21
CA PHE B 469 12.53 38.35 -23.84
C PHE B 469 11.76 37.97 -25.10
N PRO B 470 12.43 37.40 -26.09
CA PRO B 470 11.75 37.05 -27.33
C PRO B 470 10.81 35.87 -27.15
N LYS B 471 9.79 35.84 -28.01
CA LYS B 471 8.87 34.73 -28.07
C LYS B 471 9.56 33.52 -28.68
N LYS B 472 9.28 32.33 -28.16
CA LYS B 472 9.97 31.12 -28.59
C LYS B 472 9.12 30.21 -29.46
N TYR B 473 7.87 29.96 -29.06
CA TYR B 473 7.02 29.01 -29.77
C TYR B 473 6.32 29.68 -30.95
N SER B 474 6.38 29.02 -32.11
CA SER B 474 5.70 29.54 -33.30
C SER B 474 4.20 29.31 -33.25
N TYR B 475 3.76 28.18 -32.70
CA TYR B 475 2.36 27.82 -32.72
C TYR B 475 1.56 28.68 -31.73
N PRO B 476 0.24 28.74 -31.91
CA PRO B 476 -0.58 29.47 -30.94
C PRO B 476 -0.57 28.81 -29.58
N LEU B 477 -0.84 29.61 -28.55
CA LEU B 477 -0.79 29.16 -27.17
C LEU B 477 -2.16 29.04 -26.52
N LYS B 478 -3.24 29.15 -27.29
CA LYS B 478 -4.56 29.05 -26.68
C LYS B 478 -4.78 27.62 -26.18
N SER B 479 -5.21 27.50 -24.95
CA SER B 479 -5.37 26.17 -24.37
C SER B 479 -6.73 25.60 -24.75
N PRO B 480 -6.78 24.38 -25.29
CA PRO B 480 -8.07 23.79 -25.66
C PRO B 480 -9.00 23.60 -24.49
N GLY B 481 -8.48 23.47 -23.28
CA GLY B 481 -9.32 23.35 -22.12
C GLY B 481 -9.40 21.91 -21.62
N VAL B 482 -9.66 21.79 -20.33
CA VAL B 482 -9.76 20.49 -19.71
C VAL B 482 -10.99 19.72 -20.18
N ARG B 483 -11.95 20.39 -20.79
CA ARG B 483 -13.20 19.73 -21.20
C ARG B 483 -12.98 18.86 -22.42
N PRO B 484 -13.34 17.58 -22.38
CA PRO B 484 -13.12 16.71 -23.54
C PRO B 484 -14.05 17.06 -24.68
N SER B 485 -13.63 16.72 -25.90
CA SER B 485 -14.45 16.95 -27.08
C SER B 485 -15.30 15.71 -27.34
N ASN B 486 -16.59 15.81 -27.06
CA ASN B 486 -17.51 14.68 -27.22
C ASN B 486 -18.95 15.17 -27.36
N MET C 2 -13.92 5.12 6.42
CA MET C 2 -14.71 4.25 5.57
C MET C 2 -15.45 3.21 6.37
N THR C 3 -16.76 3.11 6.15
CA THR C 3 -17.52 2.01 6.73
C THR C 3 -17.20 0.72 6.00
N GLU C 4 -16.99 -0.34 6.76
CA GLU C 4 -16.50 -1.61 6.23
C GLU C 4 -17.65 -2.61 6.16
N TYR C 5 -17.81 -3.24 5.00
CA TYR C 5 -18.81 -4.26 4.79
C TYR C 5 -18.11 -5.59 4.59
N LYS C 6 -18.50 -6.59 5.38
CA LYS C 6 -17.87 -7.90 5.30
C LYS C 6 -18.76 -8.82 4.48
N LEU C 7 -18.65 -8.68 3.15
CA LEU C 7 -19.35 -9.56 2.24
C LEU C 7 -18.76 -10.95 2.28
N VAL C 8 -19.61 -11.96 2.12
CA VAL C 8 -19.19 -13.36 2.02
C VAL C 8 -19.82 -13.95 0.79
N VAL C 9 -19.05 -14.69 0.00
CA VAL C 9 -19.52 -15.27 -1.24
C VAL C 9 -19.69 -16.76 -1.02
N VAL C 10 -20.92 -17.25 -1.02
CA VAL C 10 -21.18 -18.66 -0.81
C VAL C 10 -21.79 -19.22 -2.08
N GLY C 11 -21.73 -20.53 -2.22
CA GLY C 11 -22.31 -21.16 -3.38
C GLY C 11 -21.76 -22.55 -3.57
N ALA C 12 -22.39 -23.29 -4.47
CA ALA C 12 -21.94 -24.64 -4.76
C ALA C 12 -20.58 -24.59 -5.43
N GLY C 13 -20.04 -25.76 -5.73
CA GLY C 13 -18.77 -25.81 -6.41
C GLY C 13 -18.90 -25.49 -7.89
N ASP C 14 -17.83 -24.93 -8.45
CA ASP C 14 -17.72 -24.71 -9.88
C ASP C 14 -18.84 -23.85 -10.44
N VAL C 15 -19.23 -22.82 -9.69
CA VAL C 15 -20.24 -21.88 -10.17
C VAL C 15 -19.67 -20.56 -10.60
N GLY C 16 -18.48 -20.20 -10.15
CA GLY C 16 -17.87 -18.94 -10.49
C GLY C 16 -17.73 -17.95 -9.35
N LYS C 17 -17.72 -18.41 -8.11
CA LYS C 17 -17.55 -17.49 -6.99
C LYS C 17 -16.22 -16.77 -7.07
N SER C 18 -15.15 -17.48 -7.42
CA SER C 18 -13.84 -16.87 -7.54
C SER C 18 -13.72 -16.04 -8.80
N ALA C 19 -14.31 -16.51 -9.91
CA ALA C 19 -14.27 -15.71 -11.13
C ALA C 19 -15.13 -14.46 -10.99
N LEU C 20 -16.21 -14.56 -10.24
CA LEU C 20 -17.10 -13.42 -10.07
C LEU C 20 -16.48 -12.41 -9.12
N THR C 21 -15.71 -12.88 -8.14
CA THR C 21 -15.07 -11.98 -7.17
C THR C 21 -13.82 -11.34 -7.74
N ILE C 22 -13.02 -12.11 -8.47
CA ILE C 22 -11.87 -11.52 -9.15
C ILE C 22 -12.33 -10.54 -10.23
N GLN C 23 -13.43 -10.85 -10.90
CA GLN C 23 -13.93 -9.94 -11.92
C GLN C 23 -14.31 -8.60 -11.33
N LEU C 24 -14.85 -8.59 -10.13
CA LEU C 24 -15.15 -7.32 -9.48
C LEU C 24 -13.87 -6.63 -9.05
N ILE C 25 -12.94 -7.37 -8.45
CA ILE C 25 -11.77 -6.77 -7.81
C ILE C 25 -10.77 -6.31 -8.87
N GLN C 26 -10.29 -7.22 -9.70
CA GLN C 26 -9.18 -6.93 -10.60
C GLN C 26 -9.61 -6.70 -12.04
N ASN C 27 -10.90 -6.73 -12.34
CA ASN C 27 -11.41 -6.45 -13.68
C ASN C 27 -10.80 -7.36 -14.73
N HIS C 28 -10.38 -8.57 -14.37
CA HIS C 28 -9.89 -9.51 -15.34
C HIS C 28 -10.45 -10.89 -15.04
N PHE C 29 -10.82 -11.60 -16.09
CA PHE C 29 -11.53 -12.86 -15.95
C PHE C 29 -10.55 -14.02 -15.94
N VAL C 30 -10.67 -14.89 -14.95
CA VAL C 30 -9.80 -16.06 -14.81
C VAL C 30 -10.52 -17.26 -15.41
N ASP C 31 -9.87 -17.95 -16.34
CA ASP C 31 -10.49 -19.10 -16.97
C ASP C 31 -10.02 -20.41 -16.36
N GLU C 32 -8.79 -20.46 -15.86
CA GLU C 32 -8.30 -21.68 -15.23
C GLU C 32 -9.03 -21.91 -13.91
N TYR C 33 -9.57 -23.10 -13.74
CA TYR C 33 -10.43 -23.42 -12.59
C TYR C 33 -9.62 -24.14 -11.53
N ASP C 34 -9.49 -23.53 -10.36
CA ASP C 34 -8.79 -24.13 -9.24
C ASP C 34 -9.51 -23.88 -7.91
N PRO C 35 -9.86 -24.94 -7.20
CA PRO C 35 -10.70 -24.78 -6.01
C PRO C 35 -10.03 -23.93 -4.96
N THR C 36 -10.83 -23.15 -4.25
CA THR C 36 -10.33 -22.15 -3.31
C THR C 36 -10.84 -22.49 -1.93
N ILE C 37 -9.93 -22.63 -0.96
CA ILE C 37 -10.35 -22.87 0.41
C ILE C 37 -10.86 -21.57 1.03
N GLU C 38 -9.99 -20.58 1.13
CA GLU C 38 -10.34 -19.27 1.66
C GLU C 38 -9.53 -18.23 0.91
N ASP C 39 -10.22 -17.31 0.27
CA ASP C 39 -9.59 -16.14 -0.31
C ASP C 39 -10.27 -14.92 0.28
N SER C 40 -9.51 -13.88 0.59
CA SER C 40 -10.09 -12.63 1.05
C SER C 40 -9.62 -11.51 0.15
N TYR C 41 -10.55 -10.80 -0.46
CA TYR C 41 -10.24 -9.66 -1.29
C TYR C 41 -10.81 -8.41 -0.66
N ARG C 42 -10.17 -7.28 -0.90
CA ARG C 42 -10.57 -6.01 -0.33
C ARG C 42 -10.71 -5.00 -1.44
N LYS C 43 -11.85 -4.32 -1.48
CA LYS C 43 -12.16 -3.33 -2.50
C LYS C 43 -12.74 -2.09 -1.85
N GLN C 44 -12.38 -0.93 -2.38
CA GLN C 44 -12.96 0.33 -1.96
C GLN C 44 -13.80 0.87 -3.12
N VAL C 45 -15.06 1.18 -2.85
CA VAL C 45 -15.97 1.68 -3.85
C VAL C 45 -16.81 2.78 -3.24
N VAL C 46 -17.52 3.50 -4.09
CA VAL C 46 -18.58 4.41 -3.67
C VAL C 46 -19.89 3.79 -4.12
N ILE C 47 -20.80 3.58 -3.17
CA ILE C 47 -22.09 2.98 -3.45
C ILE C 47 -23.15 3.94 -2.96
N ASP C 48 -23.94 4.46 -3.89
CA ASP C 48 -24.98 5.45 -3.58
C ASP C 48 -24.37 6.68 -2.91
N GLY C 49 -23.19 7.05 -3.35
CA GLY C 49 -22.55 8.27 -2.90
C GLY C 49 -21.72 8.16 -1.64
N GLU C 50 -21.89 7.10 -0.85
CA GLU C 50 -21.20 6.94 0.42
C GLU C 50 -20.11 5.90 0.25
N THR C 51 -18.86 6.31 0.47
CA THR C 51 -17.72 5.43 0.22
C THR C 51 -17.66 4.30 1.22
N CYS C 52 -17.55 3.08 0.72
CA CYS C 52 -17.51 1.90 1.57
C CYS C 52 -16.34 1.02 1.16
N LEU C 53 -15.92 0.16 2.07
CA LEU C 53 -14.82 -0.77 1.85
C LEU C 53 -15.36 -2.19 1.96
N LEU C 54 -15.48 -2.87 0.83
CA LEU C 54 -15.97 -4.24 0.81
C LEU C 54 -14.85 -5.16 1.22
N ASP C 55 -15.13 -6.11 2.09
CA ASP C 55 -14.16 -7.13 2.47
C ASP C 55 -14.71 -8.48 2.01
N ILE C 56 -14.46 -8.82 0.75
CA ILE C 56 -15.15 -9.92 0.11
C ILE C 56 -14.40 -11.22 0.44
N LEU C 57 -14.95 -12.00 1.37
CA LEU C 57 -14.38 -13.30 1.68
C LEU C 57 -14.93 -14.33 0.72
N ASP C 58 -14.04 -15.08 0.10
CA ASP C 58 -14.39 -16.06 -0.92
C ASP C 58 -14.36 -17.45 -0.28
N THR C 59 -15.49 -18.12 -0.28
CA THR C 59 -15.60 -19.40 0.38
C THR C 59 -15.35 -20.53 -0.60
N ALA C 60 -15.38 -21.76 -0.08
CA ALA C 60 -15.17 -22.95 -0.88
C ALA C 60 -16.50 -23.62 -1.20
N GLY C 61 -16.59 -24.18 -2.39
CA GLY C 61 -17.85 -24.74 -2.83
C GLY C 61 -17.93 -26.24 -2.81
N GLN C 62 -16.82 -26.91 -2.56
CA GLN C 62 -16.79 -28.37 -2.63
C GLN C 62 -17.36 -28.95 -1.35
N GLU C 63 -18.51 -29.60 -1.44
CA GLU C 63 -19.11 -30.26 -0.30
C GLU C 63 -18.22 -31.40 0.17
N GLU C 64 -18.09 -31.53 1.50
CA GLU C 64 -17.29 -32.55 2.16
C GLU C 64 -15.80 -32.41 1.89
N TYR C 65 -15.38 -31.45 1.07
CA TYR C 65 -13.99 -31.18 0.83
C TYR C 65 -13.53 -29.84 1.39
N SER C 66 -14.47 -29.06 1.94
CA SER C 66 -14.14 -27.91 2.77
C SER C 66 -15.28 -27.78 3.76
N ALA C 67 -15.15 -28.42 4.92
CA ALA C 67 -16.21 -28.54 5.91
C ALA C 67 -16.21 -27.39 6.90
N MET C 68 -15.35 -26.39 6.69
CA MET C 68 -15.28 -25.24 7.59
C MET C 68 -16.35 -24.21 7.31
N ARG C 69 -17.41 -24.57 6.57
CA ARG C 69 -18.37 -23.57 6.11
C ARG C 69 -18.89 -22.72 7.26
N ASP C 70 -19.20 -23.34 8.39
CA ASP C 70 -19.77 -22.60 9.50
C ASP C 70 -18.80 -21.56 10.04
N GLN C 71 -17.52 -21.66 9.70
CA GLN C 71 -16.55 -20.69 10.19
C GLN C 71 -16.62 -19.38 9.43
N TYR C 72 -16.96 -19.44 8.14
CA TYR C 72 -17.01 -18.21 7.36
C TYR C 72 -18.28 -17.43 7.67
N MET C 73 -19.41 -18.13 7.82
CA MET C 73 -20.69 -17.48 7.98
C MET C 73 -20.79 -16.73 9.31
N ARG C 74 -19.94 -17.04 10.28
CA ARG C 74 -19.99 -16.32 11.54
C ARG C 74 -19.53 -14.88 11.37
N THR C 75 -18.54 -14.66 10.52
CA THR C 75 -17.88 -13.37 10.42
C THR C 75 -18.49 -12.46 9.35
N GLY C 76 -19.37 -12.96 8.50
CA GLY C 76 -19.87 -12.18 7.39
C GLY C 76 -21.06 -11.33 7.80
N GLU C 77 -21.31 -10.28 7.02
CA GLU C 77 -22.50 -9.45 7.20
C GLU C 77 -23.56 -9.78 6.16
N GLY C 78 -23.17 -9.87 4.91
CA GLY C 78 -24.11 -10.18 3.84
C GLY C 78 -23.54 -11.25 2.95
N PHE C 79 -24.42 -12.06 2.39
CA PHE C 79 -24.02 -13.23 1.64
C PHE C 79 -24.49 -13.12 0.20
N LEU C 80 -23.81 -13.83 -0.68
CA LEU C 80 -24.04 -13.72 -2.12
C LEU C 80 -24.18 -15.13 -2.66
N CYS C 81 -25.37 -15.71 -2.55
CA CYS C 81 -25.57 -17.08 -3.01
C CYS C 81 -25.47 -17.14 -4.52
N VAL C 82 -24.47 -17.84 -5.03
CA VAL C 82 -24.20 -17.92 -6.45
C VAL C 82 -24.52 -19.33 -6.93
N PHE C 83 -25.21 -19.43 -8.06
CA PHE C 83 -25.41 -20.69 -8.74
C PHE C 83 -25.18 -20.51 -10.22
N ALA C 84 -24.79 -21.57 -10.89
CA ALA C 84 -24.52 -21.54 -12.32
C ALA C 84 -25.77 -21.95 -13.08
N ILE C 85 -26.28 -21.06 -13.93
CA ILE C 85 -27.55 -21.33 -14.60
C ILE C 85 -27.44 -22.52 -15.54
N ASN C 86 -26.26 -22.81 -16.07
CA ASN C 86 -26.15 -24.03 -16.86
C ASN C 86 -26.09 -25.28 -16.00
N ASN C 87 -26.00 -25.13 -14.69
CA ASN C 87 -25.85 -26.24 -13.74
C ASN C 87 -27.10 -26.26 -12.87
N THR C 88 -27.99 -27.21 -13.15
CA THR C 88 -29.20 -27.31 -12.34
C THR C 88 -28.88 -27.62 -10.90
N LYS C 89 -27.99 -28.59 -10.67
CA LYS C 89 -27.77 -29.10 -9.33
C LYS C 89 -27.42 -28.00 -8.36
N SER C 90 -26.59 -27.05 -8.79
CA SER C 90 -26.18 -25.97 -7.89
C SER C 90 -27.34 -25.05 -7.56
N PHE C 91 -28.37 -25.01 -8.40
CA PHE C 91 -29.50 -24.13 -8.12
C PHE C 91 -30.31 -24.61 -6.93
N GLU C 92 -30.61 -25.91 -6.87
CA GLU C 92 -31.36 -26.39 -5.70
C GLU C 92 -30.54 -26.27 -4.44
N ASP C 93 -29.22 -26.32 -4.56
CA ASP C 93 -28.35 -26.26 -3.39
C ASP C 93 -28.48 -24.94 -2.65
N ILE C 94 -29.00 -23.91 -3.30
CA ILE C 94 -29.11 -22.60 -2.66
C ILE C 94 -29.95 -22.69 -1.39
N HIS C 95 -30.96 -23.56 -1.40
CA HIS C 95 -31.80 -23.68 -0.22
C HIS C 95 -31.02 -24.17 0.98
N HIS C 96 -30.12 -25.12 0.77
CA HIS C 96 -29.30 -25.61 1.88
C HIS C 96 -28.36 -24.52 2.39
N TYR C 97 -27.79 -23.74 1.48
CA TYR C 97 -26.93 -22.64 1.89
C TYR C 97 -27.68 -21.63 2.74
N ARG C 98 -28.87 -21.25 2.29
CA ARG C 98 -29.64 -20.29 3.06
C ARG C 98 -29.97 -20.85 4.44
N GLU C 99 -30.36 -22.12 4.49
CA GLU C 99 -30.62 -22.74 5.79
C GLU C 99 -29.37 -22.77 6.66
N GLN C 100 -28.22 -23.05 6.05
CA GLN C 100 -26.97 -23.07 6.80
C GLN C 100 -26.57 -21.67 7.24
N ILE C 101 -26.94 -20.66 6.45
CA ILE C 101 -26.64 -19.28 6.83
C ILE C 101 -27.49 -18.85 8.02
N LYS C 102 -28.79 -19.14 7.98
CA LYS C 102 -29.67 -18.67 9.05
C LYS C 102 -29.32 -19.27 10.39
N ARG C 103 -28.99 -20.56 10.42
CA ARG C 103 -28.63 -21.18 11.69
C ARG C 103 -27.39 -20.55 12.29
N VAL C 104 -26.39 -20.26 11.47
CA VAL C 104 -25.16 -19.67 11.99
C VAL C 104 -25.39 -18.25 12.47
N LYS C 105 -26.09 -17.43 11.67
CA LYS C 105 -26.40 -16.08 12.08
C LYS C 105 -27.52 -16.03 13.10
N ASP C 106 -28.25 -17.13 13.27
CA ASP C 106 -29.36 -17.23 14.22
C ASP C 106 -30.41 -16.14 13.95
N SER C 107 -30.71 -15.91 12.68
CA SER C 107 -31.70 -14.92 12.31
C SER C 107 -32.33 -15.30 10.97
N GLU C 108 -33.51 -14.74 10.70
CA GLU C 108 -34.24 -15.03 9.48
C GLU C 108 -34.30 -13.86 8.54
N ASP C 109 -33.52 -12.81 8.78
CA ASP C 109 -33.52 -11.61 7.95
C ASP C 109 -32.12 -11.23 7.51
N VAL C 110 -31.25 -12.21 7.32
CA VAL C 110 -29.85 -11.92 6.98
C VAL C 110 -29.78 -11.34 5.57
N PRO C 111 -28.90 -10.37 5.33
CA PRO C 111 -28.84 -9.74 4.01
C PRO C 111 -28.22 -10.68 2.99
N MET C 112 -28.97 -10.98 1.93
CA MET C 112 -28.56 -11.98 0.97
C MET C 112 -28.91 -11.51 -0.43
N VAL C 113 -28.23 -12.08 -1.41
CA VAL C 113 -28.54 -11.84 -2.82
C VAL C 113 -28.34 -13.14 -3.57
N LEU C 114 -29.34 -13.53 -4.35
CA LEU C 114 -29.20 -14.66 -5.24
C LEU C 114 -28.57 -14.16 -6.53
N VAL C 115 -27.55 -14.86 -7.01
CA VAL C 115 -26.83 -14.45 -8.21
C VAL C 115 -26.75 -15.64 -9.14
N GLY C 116 -27.21 -15.46 -10.38
CA GLY C 116 -27.13 -16.55 -11.34
C GLY C 116 -26.01 -16.36 -12.33
N ASN C 117 -24.90 -17.07 -12.12
CA ASN C 117 -23.70 -16.87 -12.90
C ASN C 117 -23.78 -17.58 -14.23
N LYS C 118 -22.76 -17.41 -15.06
CA LYS C 118 -22.60 -18.12 -16.32
C LYS C 118 -23.77 -17.84 -17.28
N CYS C 119 -24.01 -16.56 -17.56
CA CYS C 119 -25.09 -16.22 -18.48
C CYS C 119 -24.69 -16.37 -19.94
N ASP C 120 -23.42 -16.14 -20.27
CA ASP C 120 -23.01 -16.13 -21.66
C ASP C 120 -23.03 -17.53 -22.29
N LEU C 121 -23.08 -18.57 -21.48
CA LEU C 121 -23.14 -19.92 -22.03
C LEU C 121 -24.51 -20.18 -22.63
N PRO C 122 -24.58 -20.67 -23.87
CA PRO C 122 -25.90 -20.81 -24.53
C PRO C 122 -26.85 -21.76 -23.84
N SER C 123 -26.34 -22.84 -23.23
CA SER C 123 -27.20 -23.79 -22.55
C SER C 123 -27.81 -23.14 -21.31
N ARG C 124 -29.09 -23.39 -21.08
CA ARG C 124 -29.83 -22.81 -19.95
C ARG C 124 -30.62 -23.93 -19.29
N THR C 125 -30.02 -24.59 -18.31
CA THR C 125 -30.77 -25.59 -17.58
C THR C 125 -31.65 -24.97 -16.51
N VAL C 126 -31.42 -23.71 -16.16
CA VAL C 126 -32.25 -22.98 -15.20
C VAL C 126 -32.85 -21.78 -15.92
N ASP C 127 -34.16 -21.62 -15.79
CA ASP C 127 -34.84 -20.48 -16.38
C ASP C 127 -34.80 -19.29 -15.45
N THR C 128 -34.77 -18.09 -16.03
CA THR C 128 -34.78 -16.88 -15.22
C THR C 128 -36.07 -16.75 -14.43
N LYS C 129 -37.20 -17.13 -15.02
CA LYS C 129 -38.47 -17.03 -14.31
C LYS C 129 -38.48 -17.92 -13.09
N GLN C 130 -37.91 -19.13 -13.20
CA GLN C 130 -37.86 -20.03 -12.07
C GLN C 130 -37.03 -19.45 -10.93
N ALA C 131 -35.85 -18.91 -11.25
CA ALA C 131 -34.96 -18.40 -10.21
C ALA C 131 -35.56 -17.22 -9.48
N GLN C 132 -36.19 -16.29 -10.21
CA GLN C 132 -36.82 -15.17 -9.57
C GLN C 132 -37.92 -15.62 -8.62
N ASP C 133 -38.65 -16.69 -8.99
CA ASP C 133 -39.68 -17.21 -8.11
C ASP C 133 -39.08 -17.70 -6.80
N LEU C 134 -37.96 -18.41 -6.87
CA LEU C 134 -37.24 -18.77 -5.65
C LEU C 134 -36.76 -17.53 -4.91
N ALA C 135 -36.24 -16.55 -5.65
CA ALA C 135 -35.75 -15.32 -5.03
C ALA C 135 -36.89 -14.54 -4.41
N ARG C 136 -38.09 -14.63 -4.99
CA ARG C 136 -39.22 -13.89 -4.44
C ARG C 136 -39.65 -14.44 -3.09
N SER C 137 -39.64 -15.76 -2.93
CA SER C 137 -40.07 -16.36 -1.67
C SER C 137 -39.14 -15.98 -0.53
N TYR C 138 -37.83 -15.95 -0.78
CA TYR C 138 -36.90 -15.56 0.27
C TYR C 138 -36.98 -14.06 0.56
N GLY C 139 -37.41 -13.28 -0.42
CA GLY C 139 -37.44 -11.85 -0.29
C GLY C 139 -36.14 -11.16 -0.66
N ILE C 140 -35.07 -11.93 -0.86
CA ILE C 140 -33.79 -11.39 -1.28
C ILE C 140 -33.87 -11.08 -2.77
N PRO C 141 -33.16 -10.08 -3.27
CA PRO C 141 -33.22 -9.77 -4.70
C PRO C 141 -32.52 -10.82 -5.53
N PHE C 142 -32.57 -10.62 -6.84
CA PHE C 142 -32.01 -11.57 -7.79
C PHE C 142 -31.26 -10.80 -8.87
N ILE C 143 -30.04 -11.24 -9.17
CA ILE C 143 -29.17 -10.55 -10.13
C ILE C 143 -28.66 -11.58 -11.12
N GLU C 144 -28.59 -11.18 -12.38
CA GLU C 144 -28.19 -12.08 -13.46
C GLU C 144 -26.81 -11.65 -13.96
N THR C 145 -25.79 -12.46 -13.69
CA THR C 145 -24.40 -12.04 -13.87
C THR C 145 -23.63 -13.02 -14.74
N SER C 146 -22.64 -12.50 -15.44
CA SER C 146 -21.68 -13.31 -16.18
C SER C 146 -20.29 -12.76 -15.92
N ALA C 147 -19.34 -13.65 -15.63
CA ALA C 147 -18.00 -13.20 -15.29
C ALA C 147 -17.18 -12.82 -16.51
N LYS C 148 -17.36 -13.51 -17.64
CA LYS C 148 -16.53 -13.20 -18.81
C LYS C 148 -16.88 -11.84 -19.40
N THR C 149 -18.16 -11.55 -19.54
CA THR C 149 -18.61 -10.33 -20.17
C THR C 149 -18.80 -9.21 -19.17
N ARG C 150 -18.44 -9.44 -17.91
CA ARG C 150 -18.55 -8.46 -16.84
C ARG C 150 -19.93 -7.81 -16.84
N GLN C 151 -20.96 -8.65 -16.90
CA GLN C 151 -22.33 -8.18 -16.86
C GLN C 151 -22.89 -8.37 -15.47
N GLY C 152 -23.42 -7.31 -14.88
CA GLY C 152 -24.07 -7.41 -13.61
C GLY C 152 -23.19 -7.75 -12.43
N VAL C 153 -21.93 -8.12 -12.65
CA VAL C 153 -21.04 -8.40 -11.53
C VAL C 153 -20.80 -7.16 -10.71
N ASP C 154 -20.77 -6.00 -11.34
CA ASP C 154 -20.64 -4.77 -10.59
C ASP C 154 -21.94 -4.40 -9.88
N ASP C 155 -23.08 -4.86 -10.41
CA ASP C 155 -24.36 -4.61 -9.76
C ASP C 155 -24.70 -5.67 -8.72
N ALA C 156 -24.18 -6.89 -8.89
CA ALA C 156 -24.46 -7.94 -7.91
C ALA C 156 -23.90 -7.58 -6.55
N PHE C 157 -22.61 -7.23 -6.51
CA PHE C 157 -22.00 -6.90 -5.22
C PHE C 157 -22.52 -5.59 -4.68
N TYR C 158 -22.84 -4.64 -5.56
CA TYR C 158 -23.35 -3.36 -5.09
C TYR C 158 -24.74 -3.53 -4.50
N THR C 159 -25.55 -4.43 -5.06
CA THR C 159 -26.87 -4.70 -4.51
C THR C 159 -26.78 -5.26 -3.11
N LEU C 160 -25.86 -6.20 -2.88
CA LEU C 160 -25.72 -6.79 -1.56
C LEU C 160 -25.32 -5.75 -0.52
N VAL C 161 -24.55 -4.74 -0.92
CA VAL C 161 -24.22 -3.68 0.03
C VAL C 161 -25.46 -2.88 0.36
N ARG C 162 -26.33 -2.67 -0.63
CA ARG C 162 -27.60 -1.94 -0.36
C ARG C 162 -28.44 -2.76 0.61
N GLU C 163 -28.46 -4.09 0.46
CA GLU C 163 -29.26 -4.95 1.37
C GLU C 163 -28.73 -4.86 2.81
N ILE C 164 -27.40 -4.89 2.97
CA ILE C 164 -26.79 -4.76 4.33
C ILE C 164 -27.15 -3.38 4.89
N ARG C 165 -27.09 -2.35 4.06
CA ARG C 165 -27.34 -0.96 4.54
C ARG C 165 -28.79 -0.86 5.04
N LYS C 166 -29.75 -1.42 4.30
CA LYS C 166 -31.17 -1.39 4.73
C LYS C 166 -31.34 -2.19 6.02
N HIS C 167 -30.68 -3.35 6.11
CA HIS C 167 -30.78 -4.21 7.32
C HIS C 167 -30.16 -3.50 8.53
N LYS C 168 -29.03 -2.81 8.34
CA LYS C 168 -28.33 -2.20 9.50
C LYS C 168 -29.20 -1.11 10.12
N GLU C 169 -30.14 -0.53 9.37
CA GLU C 169 -31.06 0.45 9.99
C GLU C 169 -32.40 0.47 9.23
#